data_9AXX
#
_entry.id   9AXX
#
_cell.length_a   72.213
_cell.length_b   82.408
_cell.length_c   121.552
_cell.angle_alpha   90.000
_cell.angle_beta   105.650
_cell.angle_gamma   90.000
#
_symmetry.space_group_name_H-M   'P 1 21 1'
#
loop_
_entity.id
_entity.type
_entity.pdbx_description
1 polymer 'Dual specificity mitogen-activated protein kinase kinase 1'
2 polymer 'Serine/threonine-protein kinase B-raf'
3 non-polymer "N-[3-fluoro-4-({7-[(3-fluoropyridin-2-yl)oxy]-4-methyl-2-oxo-2H-1-benzopyran-3-yl}methyl)pyridin-2-yl]-N'-methylsulfuric diamide"
4 non-polymer 'PHOSPHOAMINOPHOSPHONIC ACID-ADENYLATE ESTER'
5 non-polymer 'MAGNESIUM ION'
6 non-polymer 1,2-ETHANEDIOL
7 non-polymer 2-AMINO-2-HYDROXYMETHYL-PROPANE-1,3-DIOL
8 water water
#
loop_
_entity_poly.entity_id
_entity_poly.type
_entity_poly.pdbx_seq_one_letter_code
_entity_poly.pdbx_strand_id
1 'polypeptide(L)'
;GLEELELDEQQRKRLEAFLTQKQKVGELKDDDFEKISELGAGNGGVVFKVSHKPSGLVMARKLIHLEIKPAIRNQIIREL
QVLHECNSPYIVGFYGAFYSDGEISICMEHMDGGSLDQVLKKAGRIPEQILGKVSIAVIKGLTYLREKHKIMHRDVKPSN
ILVNSRGEIKLCDFGVSGQLIDAMANAFVGTRSYMSPERLQGTHYSVQSDIWSMGLSLVEMAVGRYPIGSGSGSMAIFEL
LDYIVNEPPPKLPSGVFSLEFQDFVNKCLIKNPAERADLKQLMVHAFIKRSDAEEVDFAGWLCSTIGLNQ
;
A,C
2 'polypeptide(L)'
;GDSSDDWEIPDGQITVGQRIGSGSFGTVYKGKWHGDVAVKMLNVTAPTPQQLQAFKNEVGVLRKTRHVNILLFMGYSTKP
QLAIVTQWCEGSSLYHHLHIIETKFEMIKLIDIARQTAQGMDYLHAKSIIHRDLKSNNIFLHEDLTVKIGDFGLATVKSR
WSGSHQFEQLSGSILWMAPEVIRMQDKNPYSFQSDVYAFGIVLYELMTGQLPYSNINNRDQIIFMVGRGYLSPDLSKVRS
NCPKAMKRLMAECLKKKRDERPLFPQILASIELLARSLPK
;
B,D
#
# COMPACT_ATOMS: atom_id res chain seq x y z
N GLU A 6 -28.72 9.21 9.91
CA GLU A 6 -29.53 10.08 10.75
C GLU A 6 -28.74 10.55 11.97
N LEU A 7 -28.68 11.87 12.17
CA LEU A 7 -27.97 12.45 13.30
C LEU A 7 -28.83 13.53 13.95
N ASP A 8 -28.77 13.60 15.28
CA ASP A 8 -29.45 14.65 16.03
C ASP A 8 -28.70 15.96 15.88
N GLU A 9 -29.26 17.02 16.48
CA GLU A 9 -28.58 18.31 16.44
C GLU A 9 -27.33 18.32 17.30
N GLN A 10 -27.43 17.77 18.52
CA GLN A 10 -26.26 17.69 19.39
C GLN A 10 -25.21 16.76 18.79
N GLN A 11 -25.63 15.65 18.18
CA GLN A 11 -24.68 14.75 17.54
C GLN A 11 -23.98 15.44 16.38
N ARG A 12 -24.71 16.22 15.59
CA ARG A 12 -24.08 16.97 14.50
C ARG A 12 -23.12 18.02 15.05
N LYS A 13 -23.49 18.64 16.18
CA LYS A 13 -22.62 19.67 16.77
C LYS A 13 -21.32 19.07 17.29
N ARG A 14 -21.42 18.03 18.12
CA ARG A 14 -20.23 17.42 18.71
C ARG A 14 -19.25 16.99 17.64
N LEU A 15 -19.76 16.39 16.56
CA LEU A 15 -18.88 15.96 15.47
C LEU A 15 -18.20 17.16 14.81
N GLU A 16 -18.95 18.24 14.58
CA GLU A 16 -18.33 19.44 14.02
C GLU A 16 -17.29 20.01 14.96
N ALA A 17 -17.59 20.06 16.26
CA ALA A 17 -16.61 20.54 17.23
C ALA A 17 -15.40 19.63 17.29
N PHE A 18 -15.58 18.33 17.03
CA PHE A 18 -14.45 17.43 16.98
C PHE A 18 -13.63 17.61 15.71
N LEU A 19 -14.30 17.77 14.56
CA LEU A 19 -13.59 18.01 13.31
C LEU A 19 -12.83 19.33 13.36
N THR A 20 -13.37 20.32 14.08
CA THR A 20 -12.64 21.57 14.28
C THR A 20 -11.43 21.36 15.17
N GLN A 21 -11.57 20.56 16.22
CA GLN A 21 -10.41 20.20 17.04
C GLN A 21 -9.34 19.50 16.22
N LYS A 22 -9.74 18.68 15.25
CA LYS A 22 -8.78 17.95 14.43
C LYS A 22 -8.08 18.85 13.41
N GLN A 23 -8.68 19.98 13.04
CA GLN A 23 -8.01 20.92 12.16
C GLN A 23 -6.76 21.51 12.81
N LYS A 24 -6.69 21.48 14.14
CA LYS A 24 -5.51 21.93 14.88
C LYS A 24 -4.37 20.93 14.83
N VAL A 25 -4.59 19.74 14.25
CA VAL A 25 -3.62 18.65 14.25
C VAL A 25 -3.07 18.50 12.84
N GLY A 26 -1.74 18.40 12.74
CA GLY A 26 -1.07 18.16 11.47
C GLY A 26 -0.38 16.82 11.44
N GLU A 27 0.80 16.76 10.83
CA GLU A 27 1.58 15.52 10.79
C GLU A 27 2.07 15.18 12.18
N LEU A 28 1.91 13.91 12.57
CA LEU A 28 2.29 13.45 13.90
C LEU A 28 3.72 12.93 13.91
N LYS A 29 4.45 13.27 14.96
CA LYS A 29 5.82 12.81 15.17
C LYS A 29 6.02 12.48 16.64
N ASP A 30 6.94 11.55 16.91
CA ASP A 30 7.10 11.02 18.26
C ASP A 30 7.50 12.12 19.25
N ASP A 31 8.37 13.04 18.83
CA ASP A 31 8.84 14.06 19.77
C ASP A 31 7.73 15.04 20.16
N ASP A 32 6.64 15.10 19.39
CA ASP A 32 5.55 16.02 19.67
C ASP A 32 4.57 15.50 20.72
N PHE A 33 4.92 14.43 21.44
CA PHE A 33 4.04 13.83 22.43
C PHE A 33 4.70 13.79 23.80
N GLU A 34 3.88 13.93 24.84
CA GLU A 34 4.32 13.85 26.23
C GLU A 34 3.37 12.94 26.98
N LYS A 35 3.94 12.00 27.75
CA LYS A 35 3.12 11.03 28.47
C LYS A 35 2.39 11.69 29.63
N ILE A 36 1.23 11.13 29.98
CA ILE A 36 0.46 11.60 31.12
C ILE A 36 0.20 10.45 32.08
N SER A 37 -0.41 9.37 31.58
CA SER A 37 -0.75 8.23 32.41
C SER A 37 -1.04 7.03 31.53
N GLU A 38 -1.20 5.88 32.18
CA GLU A 38 -1.55 4.64 31.49
C GLU A 38 -3.08 4.49 31.51
N LEU A 39 -3.66 4.33 30.32
CA LEU A 39 -5.11 4.16 30.23
C LEU A 39 -5.53 2.73 30.49
N GLY A 40 -4.62 1.78 30.34
CA GLY A 40 -4.95 0.37 30.41
C GLY A 40 -3.98 -0.42 29.56
N ALA A 41 -4.09 -1.73 29.66
CA ALA A 41 -3.15 -2.64 29.00
C ALA A 41 -3.93 -3.72 28.28
N GLY A 42 -3.53 -4.00 27.04
CA GLY A 42 -4.08 -5.11 26.30
C GLY A 42 -2.98 -6.09 25.94
N ASN A 43 -3.28 -7.09 25.12
CA ASN A 43 -2.25 -8.04 24.73
C ASN A 43 -1.15 -7.42 23.88
N GLY A 44 -1.37 -6.22 23.34
CA GLY A 44 -0.33 -5.49 22.65
C GLY A 44 0.49 -4.56 23.51
N GLY A 45 0.12 -4.37 24.76
CA GLY A 45 0.82 -3.50 25.67
C GLY A 45 -0.09 -2.42 26.21
N VAL A 46 0.53 -1.43 26.86
CA VAL A 46 -0.19 -0.35 27.51
C VAL A 46 -0.57 0.70 26.47
N VAL A 47 -1.83 1.14 26.51
CA VAL A 47 -2.25 2.34 25.80
C VAL A 47 -2.09 3.54 26.73
N PHE A 48 -1.51 4.63 26.22
CA PHE A 48 -1.16 5.78 27.04
C PHE A 48 -2.03 6.97 26.69
N LYS A 49 -2.45 7.70 27.72
CA LYS A 49 -3.04 9.03 27.53
C LYS A 49 -1.90 10.05 27.45
N VAL A 50 -1.85 10.80 26.35
CA VAL A 50 -0.73 11.66 26.03
C VAL A 50 -1.25 13.05 25.65
N SER A 51 -0.31 13.96 25.41
CA SER A 51 -0.61 15.33 24.99
C SER A 51 0.18 15.66 23.73
N HIS A 52 -0.52 16.13 22.70
CA HIS A 52 0.10 16.54 21.44
C HIS A 52 0.40 18.03 21.54
N LYS A 53 1.66 18.35 21.83
CA LYS A 53 2.03 19.75 22.07
C LYS A 53 1.72 20.69 20.91
N PRO A 54 1.97 20.34 19.63
CA PRO A 54 1.64 21.29 18.56
C PRO A 54 0.17 21.70 18.52
N SER A 55 -0.74 20.83 18.97
CA SER A 55 -2.16 21.14 19.00
C SER A 55 -2.71 21.32 20.41
N GLY A 56 -2.06 20.76 21.43
CA GLY A 56 -2.55 20.82 22.80
C GLY A 56 -3.57 19.77 23.16
N LEU A 57 -4.14 19.08 22.18
CA LEU A 57 -5.21 18.12 22.45
C LEU A 57 -4.69 16.91 23.22
N VAL A 58 -5.51 16.44 24.16
CA VAL A 58 -5.20 15.22 24.90
C VAL A 58 -5.72 14.03 24.10
N MET A 59 -4.82 13.10 23.79
CA MET A 59 -5.13 11.95 22.96
C MET A 59 -4.79 10.66 23.71
N ALA A 60 -5.32 9.56 23.19
CA ALA A 60 -4.89 8.22 23.57
C ALA A 60 -3.93 7.73 22.52
N ARG A 61 -2.77 7.26 22.95
CA ARG A 61 -1.74 6.76 22.04
C ARG A 61 -1.57 5.27 22.24
N LYS A 62 -1.73 4.51 21.17
CA LYS A 62 -1.55 3.07 21.17
C LYS A 62 -0.30 2.74 20.35
N LEU A 63 0.54 1.85 20.89
CA LEU A 63 1.78 1.43 20.25
C LEU A 63 1.64 -0.03 19.84
N ILE A 64 1.78 -0.30 18.55
CA ILE A 64 1.65 -1.64 17.99
C ILE A 64 3.02 -2.06 17.47
N HIS A 65 3.66 -2.98 18.18
CA HIS A 65 4.99 -3.44 17.81
C HIS A 65 4.87 -4.52 16.74
N LEU A 66 5.46 -4.26 15.57
CA LEU A 66 5.43 -5.18 14.44
C LEU A 66 6.80 -5.21 13.78
N GLU A 67 7.18 -6.37 13.28
CA GLU A 67 8.37 -6.53 12.44
C GLU A 67 7.89 -6.81 11.02
N ILE A 68 7.86 -5.77 10.19
CA ILE A 68 7.30 -5.85 8.85
C ILE A 68 8.16 -5.02 7.90
N LYS A 69 7.94 -5.24 6.60
CA LYS A 69 8.66 -4.51 5.59
C LYS A 69 8.36 -3.01 5.70
N PRO A 70 9.32 -2.14 5.44
CA PRO A 70 9.03 -0.71 5.39
C PRO A 70 7.93 -0.36 4.39
N ALA A 71 7.86 -1.08 3.27
CA ALA A 71 6.79 -0.83 2.30
C ALA A 71 5.42 -1.18 2.87
N ILE A 72 5.32 -2.32 3.56
CA ILE A 72 4.07 -2.69 4.20
C ILE A 72 3.75 -1.73 5.33
N ARG A 73 4.78 -1.27 6.05
CA ARG A 73 4.58 -0.27 7.10
C ARG A 73 3.99 1.01 6.51
N ASN A 74 4.47 1.42 5.34
CA ASN A 74 3.96 2.63 4.70
C ASN A 74 2.52 2.44 4.22
N GLN A 75 2.20 1.26 3.67
CA GLN A 75 0.85 1.02 3.22
C GLN A 75 -0.13 0.97 4.40
N ILE A 76 0.31 0.46 5.54
CA ILE A 76 -0.54 0.46 6.74
C ILE A 76 -0.90 1.87 7.14
N ILE A 77 0.07 2.77 7.14
CA ILE A 77 -0.20 4.17 7.50
C ILE A 77 -1.17 4.81 6.53
N ARG A 78 -1.04 4.48 5.23
CA ARG A 78 -1.95 5.06 4.24
C ARG A 78 -3.34 4.46 4.36
N GLU A 79 -3.44 3.14 4.58
CA GLU A 79 -4.75 2.52 4.76
C GLU A 79 -5.46 3.06 5.99
N LEU A 80 -4.71 3.41 7.03
CA LEU A 80 -5.32 3.98 8.23
C LEU A 80 -5.90 5.37 7.98
N GLN A 81 -5.53 6.03 6.88
CA GLN A 81 -6.07 7.36 6.60
C GLN A 81 -7.56 7.33 6.29
N VAL A 82 -8.10 6.16 5.92
CA VAL A 82 -9.54 6.05 5.71
C VAL A 82 -10.30 6.44 6.96
N LEU A 83 -9.67 6.28 8.13
CA LEU A 83 -10.29 6.66 9.39
C LEU A 83 -10.67 8.13 9.43
N HIS A 84 -9.95 8.99 8.69
CA HIS A 84 -10.35 10.39 8.63
C HIS A 84 -11.70 10.58 7.97
N GLU A 85 -12.14 9.63 7.15
CA GLU A 85 -13.47 9.64 6.55
C GLU A 85 -14.47 8.80 7.33
N CYS A 86 -14.05 8.24 8.47
CA CYS A 86 -14.94 7.49 9.34
C CYS A 86 -15.43 8.43 10.44
N ASN A 87 -16.46 9.21 10.11
CA ASN A 87 -17.00 10.23 11.00
C ASN A 87 -18.42 9.83 11.40
N SER A 88 -18.61 9.58 12.69
CA SER A 88 -19.89 9.09 13.22
C SER A 88 -19.88 9.29 14.73
N PRO A 89 -21.03 9.60 15.32
CA PRO A 89 -21.08 9.69 16.80
C PRO A 89 -20.79 8.38 17.50
N TYR A 90 -20.85 7.26 16.78
CA TYR A 90 -20.63 5.93 17.36
C TYR A 90 -19.28 5.35 16.95
N ILE A 91 -18.38 6.18 16.45
CA ILE A 91 -17.05 5.77 16.01
C ILE A 91 -16.03 6.67 16.70
N VAL A 92 -15.08 6.06 17.42
CA VAL A 92 -14.00 6.83 18.02
C VAL A 92 -13.23 7.57 16.94
N GLY A 93 -12.90 8.83 17.21
CA GLY A 93 -12.23 9.63 16.22
C GLY A 93 -10.76 9.26 16.07
N PHE A 94 -10.21 9.61 14.90
CA PHE A 94 -8.84 9.29 14.52
C PHE A 94 -8.07 10.58 14.32
N TYR A 95 -6.86 10.65 14.87
CA TYR A 95 -6.02 11.83 14.76
C TYR A 95 -4.84 11.66 13.81
N GLY A 96 -4.28 10.47 13.71
CA GLY A 96 -3.13 10.23 12.86
C GLY A 96 -2.35 9.03 13.33
N ALA A 97 -1.33 8.69 12.55
CA ALA A 97 -0.50 7.53 12.86
C ALA A 97 0.89 7.74 12.26
N PHE A 98 1.88 7.09 12.87
CA PHE A 98 3.27 7.23 12.44
C PHE A 98 4.05 6.02 12.95
N TYR A 99 5.28 5.89 12.44
CA TYR A 99 6.18 4.81 12.81
C TYR A 99 7.37 5.37 13.59
N SER A 100 7.75 4.69 14.66
CA SER A 100 8.82 5.18 15.53
C SER A 100 9.39 4.02 16.34
N ASP A 101 10.60 3.59 16.01
CA ASP A 101 11.37 2.63 16.80
C ASP A 101 10.68 1.26 16.88
N GLY A 102 10.40 0.70 15.72
CA GLY A 102 9.84 -0.64 15.64
C GLY A 102 8.38 -0.77 16.04
N GLU A 103 7.66 0.33 16.17
CA GLU A 103 6.25 0.26 16.52
C GLU A 103 5.48 1.33 15.76
N ILE A 104 4.22 1.02 15.46
CA ILE A 104 3.31 1.96 14.81
C ILE A 104 2.42 2.56 15.88
N SER A 105 2.49 3.89 16.05
CA SER A 105 1.67 4.59 17.02
C SER A 105 0.39 5.08 16.35
N ILE A 106 -0.75 4.67 16.89
CA ILE A 106 -2.06 5.16 16.45
C ILE A 106 -2.59 6.08 17.54
N CYS A 107 -2.80 7.34 17.18
CA CYS A 107 -3.33 8.33 18.11
C CYS A 107 -4.80 8.59 17.78
N MET A 108 -5.63 8.63 18.83
CA MET A 108 -7.07 8.69 18.65
C MET A 108 -7.69 9.56 19.73
N GLU A 109 -9.01 9.72 19.65
CA GLU A 109 -9.76 10.46 20.64
C GLU A 109 -9.68 9.78 22.00
N HIS A 110 -9.32 10.56 23.02
CA HIS A 110 -9.30 10.05 24.39
C HIS A 110 -10.73 9.94 24.92
N MET A 111 -11.08 8.78 25.44
CA MET A 111 -12.39 8.52 26.02
C MET A 111 -12.23 8.43 27.53
N ASP A 112 -12.67 9.47 28.25
CA ASP A 112 -12.36 9.58 29.66
C ASP A 112 -13.12 8.60 30.53
N GLY A 113 -14.07 7.85 29.95
CA GLY A 113 -14.78 6.82 30.68
C GLY A 113 -14.21 5.43 30.45
N GLY A 114 -13.24 5.32 29.52
CA GLY A 114 -12.62 4.05 29.25
C GLY A 114 -13.51 3.10 28.45
N SER A 115 -13.17 1.82 28.53
CA SER A 115 -13.88 0.77 27.83
C SER A 115 -14.93 0.14 28.74
N LEU A 116 -15.97 -0.44 28.10
CA LEU A 116 -17.01 -1.09 28.88
C LEU A 116 -16.49 -2.30 29.65
N ASP A 117 -15.40 -2.90 29.15
CA ASP A 117 -14.69 -3.90 29.93
C ASP A 117 -14.24 -3.34 31.28
N GLN A 118 -13.67 -2.14 31.28
CA GLN A 118 -13.26 -1.50 32.53
C GLN A 118 -14.47 -1.09 33.36
N VAL A 119 -15.51 -0.55 32.70
CA VAL A 119 -16.71 -0.14 33.42
C VAL A 119 -17.36 -1.34 34.11
N LEU A 120 -17.40 -2.48 33.42
CA LEU A 120 -18.02 -3.68 33.98
C LEU A 120 -17.33 -4.10 35.27
N LYS A 121 -16.00 -3.93 35.36
CA LYS A 121 -15.29 -4.30 36.58
C LYS A 121 -15.78 -3.49 37.78
N LYS A 122 -16.01 -2.19 37.59
CA LYS A 122 -16.54 -1.40 38.70
C LYS A 122 -18.04 -1.61 38.89
N ALA A 123 -18.78 -1.84 37.80
CA ALA A 123 -20.23 -1.93 37.91
C ALA A 123 -20.69 -3.30 38.37
N GLY A 124 -19.90 -4.35 38.09
CA GLY A 124 -20.35 -5.70 38.34
C GLY A 124 -21.24 -6.19 37.23
N ARG A 125 -22.40 -5.54 37.06
CA ARG A 125 -23.32 -5.78 35.97
C ARG A 125 -23.83 -4.43 35.47
N ILE A 126 -24.37 -4.42 34.26
CA ILE A 126 -24.85 -3.20 33.62
C ILE A 126 -26.34 -3.35 33.35
N PRO A 127 -27.18 -2.43 33.85
CA PRO A 127 -28.63 -2.59 33.70
C PRO A 127 -29.08 -2.61 32.23
N GLU A 128 -30.27 -3.22 32.03
CA GLU A 128 -30.75 -3.51 30.69
C GLU A 128 -30.91 -2.24 29.86
N GLN A 129 -31.50 -1.18 30.43
CA GLN A 129 -31.72 0.02 29.65
C GLN A 129 -30.41 0.66 29.22
N ILE A 130 -29.39 0.58 30.07
CA ILE A 130 -28.06 1.02 29.66
C ILE A 130 -27.57 0.21 28.48
N LEU A 131 -27.72 -1.12 28.55
CA LEU A 131 -27.30 -1.98 27.45
C LEU A 131 -28.12 -1.75 26.18
N GLY A 132 -29.33 -1.21 26.30
CA GLY A 132 -30.08 -0.82 25.12
C GLY A 132 -29.43 0.33 24.39
N LYS A 133 -28.91 1.32 25.13
CA LYS A 133 -28.18 2.40 24.48
C LYS A 133 -26.86 1.90 23.90
N VAL A 134 -26.22 0.93 24.55
CA VAL A 134 -25.01 0.33 23.99
C VAL A 134 -25.35 -0.44 22.71
N SER A 135 -26.45 -1.18 22.73
CA SER A 135 -26.84 -1.94 21.54
C SER A 135 -27.07 -1.01 20.35
N ILE A 136 -27.78 0.10 20.58
CA ILE A 136 -28.02 1.07 19.51
C ILE A 136 -26.70 1.61 18.98
N ALA A 137 -25.78 1.97 19.89
CA ALA A 137 -24.51 2.53 19.48
C ALA A 137 -23.72 1.55 18.62
N VAL A 138 -23.70 0.27 18.99
CA VAL A 138 -22.95 -0.71 18.21
C VAL A 138 -23.65 -0.99 16.88
N ILE A 139 -24.97 -1.14 16.90
CA ILE A 139 -25.69 -1.42 15.65
C ILE A 139 -25.57 -0.25 14.69
N LYS A 140 -25.63 0.98 15.21
CA LYS A 140 -25.49 2.13 14.34
C LYS A 140 -24.06 2.30 13.86
N GLY A 141 -23.08 1.87 14.65
CA GLY A 141 -21.70 1.91 14.20
C GLY A 141 -21.42 0.91 13.09
N LEU A 142 -21.84 -0.34 13.31
CA LEU A 142 -21.66 -1.38 12.29
C LEU A 142 -22.40 -1.02 11.01
N THR A 143 -23.66 -0.57 11.12
CA THR A 143 -24.41 -0.19 9.92
C THR A 143 -23.71 0.95 9.19
N TYR A 144 -23.11 1.88 9.93
CA TYR A 144 -22.37 2.97 9.31
C TYR A 144 -21.16 2.44 8.55
N LEU A 145 -20.39 1.55 9.18
CA LEU A 145 -19.22 0.97 8.54
C LEU A 145 -19.59 0.18 7.30
N ARG A 146 -20.69 -0.58 7.37
CA ARG A 146 -21.10 -1.41 6.24
C ARG A 146 -21.55 -0.54 5.06
N GLU A 147 -22.44 0.41 5.31
CA GLU A 147 -23.04 1.18 4.23
C GLU A 147 -22.12 2.28 3.70
N LYS A 148 -21.27 2.85 4.55
CA LYS A 148 -20.43 3.96 4.13
C LYS A 148 -19.03 3.54 3.68
N HIS A 149 -18.49 2.44 4.22
CA HIS A 149 -17.14 2.02 3.88
C HIS A 149 -17.01 0.54 3.56
N LYS A 150 -18.11 -0.22 3.54
CA LYS A 150 -18.09 -1.63 3.15
C LYS A 150 -17.03 -2.41 3.93
N ILE A 151 -16.90 -2.08 5.22
CA ILE A 151 -15.94 -2.77 6.09
C ILE A 151 -16.69 -3.31 7.31
N MET A 152 -16.29 -4.50 7.73
CA MET A 152 -16.69 -5.01 9.03
C MET A 152 -15.91 -4.31 10.13
N HIS A 153 -16.34 -4.54 11.37
CA HIS A 153 -15.50 -4.17 12.51
C HIS A 153 -14.38 -5.18 12.69
N ARG A 154 -14.75 -6.46 12.85
CA ARG A 154 -13.93 -7.66 12.98
C ARG A 154 -13.47 -7.91 14.42
N ASP A 155 -13.63 -6.95 15.33
CA ASP A 155 -13.15 -7.15 16.70
C ASP A 155 -14.04 -6.41 17.70
N VAL A 156 -15.34 -6.68 17.64
CA VAL A 156 -16.26 -6.16 18.64
C VAL A 156 -16.11 -6.97 19.92
N LYS A 157 -16.02 -6.28 21.05
CA LYS A 157 -15.90 -6.85 22.39
C LYS A 157 -16.01 -5.72 23.40
N PRO A 158 -16.22 -6.01 24.69
CA PRO A 158 -16.38 -4.91 25.65
C PRO A 158 -15.21 -3.95 25.71
N SER A 159 -13.97 -4.43 25.48
CA SER A 159 -12.83 -3.53 25.56
C SER A 159 -12.72 -2.60 24.34
N ASN A 160 -13.44 -2.89 23.26
CA ASN A 160 -13.42 -2.06 22.07
C ASN A 160 -14.69 -1.22 21.91
N ILE A 161 -15.47 -1.10 22.98
CA ILE A 161 -16.59 -0.17 23.06
C ILE A 161 -16.23 0.84 24.14
N LEU A 162 -15.97 2.07 23.73
CA LEU A 162 -15.48 3.11 24.62
C LEU A 162 -16.60 4.10 24.93
N VAL A 163 -16.51 4.72 26.12
CA VAL A 163 -17.54 5.62 26.63
C VAL A 163 -16.86 6.83 27.25
N ASN A 164 -17.64 7.90 27.43
CA ASN A 164 -17.10 9.13 28.01
C ASN A 164 -18.10 9.77 28.95
N SER A 165 -17.63 10.79 29.67
CA SER A 165 -18.46 11.49 30.65
C SER A 165 -19.65 12.19 30.02
N ARG A 166 -19.66 12.37 28.70
CA ARG A 166 -20.80 12.97 28.04
C ARG A 166 -21.89 11.95 27.71
N GLY A 167 -21.67 10.67 28.00
CA GLY A 167 -22.62 9.62 27.70
C GLY A 167 -22.53 9.06 26.29
N GLU A 168 -21.45 9.30 25.57
CA GLU A 168 -21.29 8.79 24.23
C GLU A 168 -20.71 7.38 24.28
N ILE A 169 -21.07 6.58 23.27
CA ILE A 169 -20.68 5.18 23.17
C ILE A 169 -20.14 4.98 21.76
N LYS A 170 -18.85 4.67 21.64
CA LYS A 170 -18.18 4.68 20.35
C LYS A 170 -17.36 3.42 20.12
N LEU A 171 -17.38 2.92 18.89
CA LEU A 171 -16.60 1.74 18.52
C LEU A 171 -15.17 2.11 18.15
N CYS A 172 -14.24 1.21 18.45
N CYS A 172 -14.23 1.23 18.48
CA CYS A 172 -12.83 1.43 18.21
CA CYS A 172 -12.83 1.45 18.19
C CYS A 172 -12.16 0.13 17.79
C CYS A 172 -12.17 0.14 17.77
N ASP A 173 -10.95 0.26 17.23
CA ASP A 173 -10.10 -0.89 16.89
C ASP A 173 -10.73 -1.79 15.83
N PHE A 174 -11.36 -1.20 14.82
CA PHE A 174 -11.93 -2.03 13.78
C PHE A 174 -10.94 -2.20 12.61
N GLY A 175 -11.30 -3.10 11.70
CA GLY A 175 -10.41 -3.48 10.61
C GLY A 175 -10.42 -2.53 9.44
N VAL A 176 -9.80 -1.36 9.62
CA VAL A 176 -9.79 -0.36 8.56
C VAL A 176 -8.60 -0.58 7.62
N SER A 177 -7.45 -0.99 8.15
CA SER A 177 -6.24 -1.21 7.35
C SER A 177 -6.11 -2.71 7.09
N GLY A 178 -6.22 -3.10 5.82
CA GLY A 178 -6.14 -4.51 5.48
C GLY A 178 -4.80 -5.12 5.80
N GLN A 179 -3.73 -4.35 5.61
CA GLN A 179 -2.39 -4.88 5.88
C GLN A 179 -2.10 -4.94 7.37
N LEU A 180 -2.73 -4.07 8.18
CA LEU A 180 -2.56 -4.15 9.63
C LEU A 180 -3.25 -5.39 10.18
N ILE A 181 -4.42 -5.74 9.63
CA ILE A 181 -5.08 -6.99 10.00
C ILE A 181 -4.17 -8.18 9.72
N ASP A 182 -3.59 -8.23 8.52
CA ASP A 182 -2.65 -9.30 8.18
C ASP A 182 -1.45 -9.28 9.10
N ALA A 183 -0.91 -8.09 9.38
CA ALA A 183 0.32 -7.99 10.16
C ALA A 183 0.12 -8.40 11.62
N MET A 184 -1.09 -8.26 12.15
CA MET A 184 -1.35 -8.57 13.55
C MET A 184 -1.91 -9.97 13.76
N ALA A 185 -2.03 -10.76 12.70
CA ALA A 185 -2.66 -12.07 12.82
C ALA A 185 -1.77 -13.09 13.50
N ASN A 186 -0.45 -12.88 13.53
CA ASN A 186 0.46 -13.91 13.99
C ASN A 186 0.93 -13.71 15.42
N ALA A 187 0.42 -12.69 16.11
CA ALA A 187 0.80 -12.46 17.50
C ALA A 187 -0.40 -11.84 18.22
N PHE A 188 -0.14 -11.13 19.31
CA PHE A 188 -1.19 -10.46 20.09
C PHE A 188 -2.24 -11.46 20.56
N VAL A 189 -1.79 -12.64 20.99
CA VAL A 189 -2.71 -13.68 21.43
C VAL A 189 -3.36 -13.28 22.74
N GLY A 190 -4.65 -13.58 22.86
CA GLY A 190 -5.41 -13.30 24.05
C GLY A 190 -5.74 -14.56 24.84
N THR A 191 -6.42 -14.33 25.97
CA THR A 191 -6.85 -15.42 26.85
C THR A 191 -8.33 -15.72 26.73
N ARG A 192 -9.11 -14.85 26.10
CA ARG A 192 -10.51 -15.09 25.77
C ARG A 192 -10.74 -14.71 24.31
N SER A 193 -11.95 -14.97 23.82
CA SER A 193 -12.27 -14.67 22.43
C SER A 193 -13.76 -14.39 22.27
N TYR A 194 -14.07 -13.47 21.36
CA TYR A 194 -15.44 -13.16 20.98
C TYR A 194 -15.67 -13.44 19.50
N MET A 195 -14.79 -14.24 18.89
CA MET A 195 -14.85 -14.52 17.46
C MET A 195 -16.03 -15.41 17.14
N SER A 196 -16.70 -15.11 16.03
CA SER A 196 -17.87 -15.88 15.63
C SER A 196 -17.48 -17.31 15.26
N PRO A 197 -18.40 -18.28 15.41
CA PRO A 197 -18.07 -19.67 15.07
C PRO A 197 -17.76 -19.88 13.60
N GLU A 198 -18.36 -19.10 12.70
CA GLU A 198 -18.08 -19.29 11.28
C GLU A 198 -16.67 -18.82 10.93
N ARG A 199 -16.20 -17.74 11.58
CA ARG A 199 -14.85 -17.25 11.31
C ARG A 199 -13.80 -18.17 11.92
N LEU A 200 -14.08 -18.75 13.10
CA LEU A 200 -13.15 -19.71 13.69
C LEU A 200 -12.94 -20.91 12.79
N GLN A 201 -13.99 -21.37 12.13
CA GLN A 201 -13.95 -22.60 11.36
C GLN A 201 -13.52 -22.38 9.92
N GLY A 202 -13.26 -21.14 9.52
CA GLY A 202 -12.78 -20.87 8.17
C GLY A 202 -13.84 -20.86 7.10
N THR A 203 -15.11 -20.67 7.45
CA THR A 203 -16.18 -20.61 6.46
C THR A 203 -16.54 -19.17 6.16
N HIS A 204 -17.49 -18.98 5.25
CA HIS A 204 -17.85 -17.63 4.80
C HIS A 204 -18.44 -16.82 5.95
N TYR A 205 -18.04 -15.56 6.03
CA TYR A 205 -18.46 -14.65 7.10
C TYR A 205 -18.71 -13.27 6.52
N SER A 206 -19.39 -12.45 7.31
CA SER A 206 -19.71 -11.07 6.97
C SER A 206 -19.90 -10.30 8.27
N VAL A 207 -20.49 -9.10 8.17
CA VAL A 207 -20.82 -8.31 9.34
C VAL A 207 -21.74 -9.05 10.29
N GLN A 208 -22.36 -10.15 9.84
CA GLN A 208 -23.06 -11.05 10.76
C GLN A 208 -22.18 -11.45 11.92
N SER A 209 -20.88 -11.62 11.68
CA SER A 209 -19.96 -12.03 12.73
C SER A 209 -19.80 -10.96 13.80
N ASP A 210 -19.82 -9.69 13.41
CA ASP A 210 -19.77 -8.61 14.40
C ASP A 210 -21.04 -8.60 15.26
N ILE A 211 -22.16 -9.06 14.71
CA ILE A 211 -23.40 -9.16 15.47
C ILE A 211 -23.30 -10.26 16.52
N TRP A 212 -22.70 -11.39 16.16
CA TRP A 212 -22.41 -12.43 17.15
C TRP A 212 -21.57 -11.88 18.28
N SER A 213 -20.48 -11.19 17.95
CA SER A 213 -19.58 -10.66 18.97
C SER A 213 -20.29 -9.63 19.86
N MET A 214 -21.19 -8.83 19.30
CA MET A 214 -21.97 -7.91 20.11
C MET A 214 -22.90 -8.66 21.05
N GLY A 215 -23.61 -9.66 20.53
CA GLY A 215 -24.50 -10.45 21.36
C GLY A 215 -23.77 -11.11 22.52
N LEU A 216 -22.58 -11.64 22.25
CA LEU A 216 -21.77 -12.23 23.31
C LEU A 216 -21.33 -11.18 24.33
N SER A 217 -20.91 -10.00 23.85
CA SER A 217 -20.52 -8.92 24.75
C SER A 217 -21.69 -8.45 25.60
N LEU A 218 -22.89 -8.42 25.02
CA LEU A 218 -24.07 -7.99 25.74
C LEU A 218 -24.42 -8.96 26.87
N VAL A 219 -24.29 -10.26 26.61
CA VAL A 219 -24.54 -11.24 27.67
C VAL A 219 -23.53 -11.05 28.79
N GLU A 220 -22.24 -10.90 28.43
CA GLU A 220 -21.21 -10.70 29.45
C GLU A 220 -21.53 -9.49 30.33
N MET A 221 -21.83 -8.35 29.71
CA MET A 221 -22.10 -7.15 30.49
C MET A 221 -23.40 -7.25 31.28
N ALA A 222 -24.36 -8.05 30.77
CA ALA A 222 -25.64 -8.19 31.46
C ALA A 222 -25.51 -9.02 32.73
N VAL A 223 -24.78 -10.14 32.68
CA VAL A 223 -24.66 -11.03 33.82
C VAL A 223 -23.35 -10.85 34.56
N GLY A 224 -22.44 -10.03 34.06
CA GLY A 224 -21.19 -9.76 34.76
C GLY A 224 -20.18 -10.90 34.69
N ARG A 225 -20.25 -11.75 33.68
CA ARG A 225 -19.31 -12.84 33.56
C ARG A 225 -19.11 -13.17 32.09
N TYR A 226 -17.86 -13.42 31.71
CA TYR A 226 -17.55 -13.89 30.38
C TYR A 226 -18.30 -15.20 30.14
N PRO A 227 -19.20 -15.26 29.15
CA PRO A 227 -20.14 -16.39 29.07
C PRO A 227 -19.63 -17.62 28.34
N ILE A 228 -18.42 -17.63 27.79
CA ILE A 228 -17.92 -18.79 27.06
C ILE A 228 -17.31 -19.76 28.06
N GLY A 229 -17.93 -20.93 28.20
CA GLY A 229 -17.46 -21.94 29.13
C GLY A 229 -17.72 -21.61 30.58
N SER A 234 -11.04 -22.28 34.44
CA SER A 234 -10.08 -21.56 33.62
C SER A 234 -9.60 -22.41 32.44
N MET A 235 -10.11 -22.10 31.25
CA MET A 235 -9.74 -22.77 30.02
C MET A 235 -8.77 -21.89 29.23
N ALA A 236 -7.74 -22.51 28.66
CA ALA A 236 -6.84 -21.80 27.77
C ALA A 236 -7.54 -21.49 26.45
N ILE A 237 -6.84 -20.73 25.60
CA ILE A 237 -7.49 -20.11 24.44
C ILE A 237 -8.07 -21.16 23.51
N PHE A 238 -7.34 -22.25 23.24
CA PHE A 238 -7.86 -23.23 22.30
C PHE A 238 -9.16 -23.85 22.80
N GLU A 239 -9.21 -24.20 24.09
CA GLU A 239 -10.42 -24.83 24.63
C GLU A 239 -11.62 -23.90 24.55
N LEU A 240 -11.40 -22.59 24.68
CA LEU A 240 -12.50 -21.64 24.52
C LEU A 240 -12.97 -21.58 23.07
N LEU A 241 -12.03 -21.62 22.12
CA LEU A 241 -12.42 -21.62 20.71
C LEU A 241 -13.18 -22.89 20.35
N ASP A 242 -12.73 -24.03 20.87
CA ASP A 242 -13.44 -25.28 20.65
C ASP A 242 -14.84 -25.23 21.23
N TYR A 243 -14.99 -24.54 22.37
CA TYR A 243 -16.30 -24.40 23.02
C TYR A 243 -17.24 -23.55 22.17
N ILE A 244 -16.73 -22.46 21.60
CA ILE A 244 -17.55 -21.61 20.74
C ILE A 244 -18.07 -22.39 19.55
N VAL A 245 -17.22 -23.23 18.96
CA VAL A 245 -17.60 -23.98 17.77
C VAL A 245 -18.59 -25.10 18.12
N ASN A 246 -18.36 -25.82 19.22
CA ASN A 246 -19.10 -27.03 19.52
C ASN A 246 -20.40 -26.79 20.29
N GLU A 247 -20.37 -25.92 21.30
CA GLU A 247 -21.51 -25.81 22.20
C GLU A 247 -22.52 -24.79 21.67
N PRO A 248 -23.79 -24.93 22.05
CA PRO A 248 -24.79 -23.93 21.67
C PRO A 248 -24.51 -22.61 22.38
N PRO A 249 -25.06 -21.50 21.87
CA PRO A 249 -24.70 -20.18 22.41
C PRO A 249 -25.25 -19.98 23.80
N PRO A 250 -24.64 -19.08 24.58
CA PRO A 250 -25.20 -18.73 25.89
C PRO A 250 -26.49 -17.94 25.74
N LYS A 251 -27.25 -17.89 26.84
CA LYS A 251 -28.50 -17.17 26.87
C LYS A 251 -28.61 -16.41 28.18
N LEU A 252 -29.43 -15.35 28.17
CA LEU A 252 -29.67 -14.60 29.38
C LEU A 252 -30.47 -15.44 30.38
N PRO A 253 -30.23 -15.23 31.68
CA PRO A 253 -31.07 -15.89 32.68
C PRO A 253 -32.48 -15.33 32.68
N SER A 254 -33.36 -16.00 33.42
CA SER A 254 -34.76 -15.63 33.50
C SER A 254 -35.02 -14.74 34.71
N GLY A 255 -36.21 -14.14 34.72
CA GLY A 255 -36.65 -13.34 35.85
C GLY A 255 -35.89 -12.06 36.10
N VAL A 256 -34.99 -11.68 35.20
CA VAL A 256 -34.17 -10.47 35.36
C VAL A 256 -34.37 -9.49 34.22
N PHE A 257 -34.42 -9.97 32.98
CA PHE A 257 -34.45 -9.12 31.81
C PHE A 257 -35.76 -9.37 31.05
N SER A 258 -36.23 -8.32 30.37
CA SER A 258 -37.45 -8.41 29.58
C SER A 258 -37.30 -9.46 28.48
N LEU A 259 -38.44 -9.99 28.05
CA LEU A 259 -38.42 -10.98 26.97
C LEU A 259 -37.85 -10.39 25.69
N GLU A 260 -38.04 -9.09 25.46
CA GLU A 260 -37.52 -8.45 24.26
C GLU A 260 -35.99 -8.45 24.24
N PHE A 261 -35.37 -8.19 25.40
CA PHE A 261 -33.91 -8.25 25.48
C PHE A 261 -33.41 -9.67 25.28
N GLN A 262 -34.07 -10.65 25.89
CA GLN A 262 -33.66 -12.04 25.74
C GLN A 262 -33.78 -12.49 24.29
N ASP A 263 -34.86 -12.09 23.63
CA ASP A 263 -35.03 -12.43 22.23
C ASP A 263 -34.01 -11.69 21.37
N PHE A 264 -33.64 -10.47 21.75
CA PHE A 264 -32.66 -9.70 21.00
C PHE A 264 -31.29 -10.40 21.00
N VAL A 265 -30.81 -10.80 22.17
CA VAL A 265 -29.51 -11.46 22.24
C VAL A 265 -29.57 -12.86 21.63
N ASN A 266 -30.72 -13.53 21.72
CA ASN A 266 -30.86 -14.85 21.12
C ASN A 266 -30.65 -14.78 19.61
N LYS A 267 -31.33 -13.83 18.95
CA LYS A 267 -31.18 -13.66 17.50
C LYS A 267 -29.79 -13.17 17.12
N CYS A 268 -29.07 -12.54 18.05
CA CYS A 268 -27.68 -12.17 17.79
C CYS A 268 -26.75 -13.37 17.85
N LEU A 269 -27.10 -14.38 18.66
CA LEU A 269 -26.20 -15.46 18.98
C LEU A 269 -26.49 -16.75 18.21
N ILE A 270 -27.47 -16.73 17.30
CA ILE A 270 -27.73 -17.88 16.44
C ILE A 270 -26.43 -18.21 15.71
N LYS A 271 -25.98 -19.46 15.82
CA LYS A 271 -24.66 -19.82 15.32
C LYS A 271 -24.62 -19.90 13.79
N ASN A 272 -25.76 -20.10 13.14
CA ASN A 272 -25.85 -20.04 11.69
C ASN A 272 -26.03 -18.59 11.26
N PRO A 273 -25.00 -17.97 10.68
CA PRO A 273 -25.13 -16.56 10.28
C PRO A 273 -26.23 -16.29 9.28
N ALA A 274 -26.65 -17.29 8.51
CA ALA A 274 -27.77 -17.09 7.58
C ALA A 274 -29.06 -16.80 8.33
N GLU A 275 -29.29 -17.47 9.47
CA GLU A 275 -30.51 -17.25 10.24
C GLU A 275 -30.34 -16.21 11.34
N ARG A 276 -29.10 -15.97 11.77
CA ARG A 276 -28.80 -14.88 12.70
C ARG A 276 -29.34 -13.56 12.16
N ALA A 277 -29.87 -12.73 13.05
CA ALA A 277 -30.42 -11.44 12.65
C ALA A 277 -29.33 -10.57 12.03
N ASP A 278 -29.73 -9.75 11.06
CA ASP A 278 -28.82 -8.79 10.45
C ASP A 278 -29.08 -7.39 11.01
N LEU A 279 -28.25 -6.44 10.58
CA LEU A 279 -28.34 -5.08 11.11
C LEU A 279 -29.71 -4.47 10.87
N LYS A 280 -30.31 -4.74 9.70
CA LYS A 280 -31.62 -4.19 9.39
C LYS A 280 -32.70 -4.79 10.28
N GLN A 281 -32.67 -6.11 10.47
CA GLN A 281 -33.64 -6.76 11.36
C GLN A 281 -33.48 -6.32 12.80
N LEU A 282 -32.23 -6.22 13.27
CA LEU A 282 -31.98 -5.78 14.64
C LEU A 282 -32.44 -4.34 14.85
N MET A 283 -32.32 -3.50 13.81
CA MET A 283 -32.64 -2.10 13.94
C MET A 283 -34.13 -1.86 14.19
N VAL A 284 -35.00 -2.77 13.77
CA VAL A 284 -36.43 -2.67 14.00
C VAL A 284 -36.91 -3.72 15.02
N HIS A 285 -35.98 -4.31 15.76
CA HIS A 285 -36.37 -5.26 16.80
C HIS A 285 -37.06 -4.53 17.95
N ALA A 286 -38.00 -5.22 18.60
CA ALA A 286 -38.76 -4.63 19.68
C ALA A 286 -37.86 -4.08 20.79
N PHE A 287 -36.72 -4.75 21.04
CA PHE A 287 -35.80 -4.27 22.07
C PHE A 287 -35.20 -2.91 21.69
N ILE A 288 -34.81 -2.75 20.42
CA ILE A 288 -34.22 -1.50 19.98
C ILE A 288 -35.29 -0.41 19.90
N LYS A 289 -36.48 -0.77 19.42
CA LYS A 289 -37.58 0.18 19.36
C LYS A 289 -37.88 0.75 20.74
N ARG A 290 -37.97 -0.12 21.75
CA ARG A 290 -38.21 0.34 23.10
C ARG A 290 -37.04 1.17 23.62
N SER A 291 -35.81 0.70 23.38
CA SER A 291 -34.64 1.38 23.92
C SER A 291 -34.46 2.77 23.32
N ASP A 292 -34.73 2.91 22.02
CA ASP A 292 -34.54 4.20 21.37
C ASP A 292 -35.42 5.29 21.97
N ALA A 293 -36.63 4.94 22.38
CA ALA A 293 -37.57 5.89 22.96
C ALA A 293 -37.40 6.06 24.47
N GLU A 294 -36.45 5.36 25.09
CA GLU A 294 -36.23 5.45 26.52
C GLU A 294 -35.32 6.63 26.85
N GLU A 295 -35.63 7.32 27.95
CA GLU A 295 -34.81 8.42 28.45
C GLU A 295 -33.89 7.86 29.51
N VAL A 296 -32.63 7.67 29.16
CA VAL A 296 -31.65 7.02 30.03
C VAL A 296 -30.49 7.97 30.26
N ASP A 297 -30.25 8.34 31.52
CA ASP A 297 -29.13 9.19 31.87
C ASP A 297 -27.88 8.33 32.01
N PHE A 298 -27.31 7.96 30.86
CA PHE A 298 -26.10 7.13 30.88
C PHE A 298 -24.90 7.92 31.38
N ALA A 299 -24.80 9.21 31.01
CA ALA A 299 -23.70 10.04 31.47
C ALA A 299 -23.62 10.07 32.99
N GLY A 300 -24.75 10.33 33.65
CA GLY A 300 -24.76 10.37 35.10
C GLY A 300 -24.52 9.02 35.75
N TRP A 301 -25.12 7.98 35.19
CA TRP A 301 -24.87 6.63 35.70
C TRP A 301 -23.40 6.26 35.61
N LEU A 302 -22.77 6.55 34.47
CA LEU A 302 -21.37 6.20 34.27
C LEU A 302 -20.46 6.91 35.26
N CYS A 303 -20.57 8.24 35.34
CA CYS A 303 -19.70 9.01 36.24
C CYS A 303 -19.85 8.56 37.67
N SER A 304 -21.08 8.30 38.12
CA SER A 304 -21.30 7.82 39.48
C SER A 304 -20.75 6.41 39.67
N THR A 305 -20.81 5.57 38.62
CA THR A 305 -20.37 4.18 38.74
C THR A 305 -18.85 4.06 38.79
N ILE A 306 -18.14 4.85 37.97
CA ILE A 306 -16.69 4.74 37.90
C ILE A 306 -15.97 5.84 38.67
N GLY A 307 -16.69 6.82 39.19
CA GLY A 307 -16.07 7.86 40.00
C GLY A 307 -15.52 9.04 39.23
N LEU A 308 -16.15 9.42 38.12
CA LEU A 308 -15.72 10.59 37.37
C LEU A 308 -16.39 11.85 37.90
N ASN A 309 -15.76 12.98 37.60
CA ASN A 309 -16.27 14.28 38.03
C ASN A 309 -16.82 15.05 36.84
N ASP B 6 -32.57 5.96 -3.30
CA ASP B 6 -33.57 6.68 -4.08
C ASP B 6 -33.18 6.70 -5.56
N TRP B 7 -31.91 6.95 -5.83
CA TRP B 7 -31.39 6.98 -7.19
C TRP B 7 -30.68 5.69 -7.58
N GLU B 8 -30.66 4.69 -6.69
CA GLU B 8 -30.10 3.40 -7.05
C GLU B 8 -31.00 2.71 -8.06
N ILE B 9 -30.40 2.21 -9.12
CA ILE B 9 -31.12 1.54 -10.20
C ILE B 9 -30.99 0.03 -10.00
N PRO B 10 -32.09 -0.73 -10.05
CA PRO B 10 -32.00 -2.18 -9.85
C PRO B 10 -31.13 -2.84 -10.90
N ASP B 11 -30.79 -4.10 -10.63
CA ASP B 11 -29.73 -4.78 -11.37
C ASP B 11 -30.09 -4.95 -12.84
N GLY B 12 -31.21 -5.60 -13.12
CA GLY B 12 -31.52 -5.99 -14.48
C GLY B 12 -32.20 -4.96 -15.36
N GLN B 13 -32.12 -3.69 -15.00
CA GLN B 13 -32.77 -2.63 -15.77
C GLN B 13 -31.86 -1.99 -16.82
N ILE B 14 -30.59 -1.78 -16.51
CA ILE B 14 -29.69 -1.06 -17.41
C ILE B 14 -29.14 -2.02 -18.46
N THR B 15 -29.29 -1.65 -19.73
CA THR B 15 -28.70 -2.38 -20.84
C THR B 15 -27.40 -1.68 -21.24
N VAL B 16 -26.29 -2.42 -21.22
CA VAL B 16 -24.99 -1.86 -21.57
C VAL B 16 -24.73 -2.11 -23.05
N GLY B 17 -24.21 -1.09 -23.74
CA GLY B 17 -23.96 -1.19 -25.16
C GLY B 17 -22.51 -0.96 -25.54
N GLN B 18 -22.29 -0.23 -26.63
CA GLN B 18 -20.95 -0.08 -27.18
C GLN B 18 -20.07 0.76 -26.27
N ARG B 19 -18.82 0.31 -26.09
CA ARG B 19 -17.87 1.06 -25.28
C ARG B 19 -17.45 2.33 -26.00
N ILE B 20 -17.37 3.43 -25.25
CA ILE B 20 -16.98 4.72 -25.81
C ILE B 20 -15.58 5.09 -25.34
N THR B 27 -14.99 2.97 -17.43
CA THR B 27 -15.09 3.72 -18.68
C THR B 27 -16.54 3.91 -19.09
N VAL B 28 -16.77 4.73 -20.10
CA VAL B 28 -18.12 5.13 -20.50
C VAL B 28 -18.63 4.20 -21.61
N TYR B 29 -19.84 3.67 -21.41
CA TYR B 29 -20.56 2.92 -22.42
C TYR B 29 -21.85 3.65 -22.76
N LYS B 30 -22.27 3.52 -24.02
CA LYS B 30 -23.59 3.99 -24.43
C LYS B 30 -24.60 2.91 -24.06
N GLY B 31 -25.59 3.27 -23.24
CA GLY B 31 -26.52 2.31 -22.68
C GLY B 31 -27.96 2.75 -22.83
N LYS B 32 -28.85 1.91 -22.31
CA LYS B 32 -30.28 2.10 -22.43
C LYS B 32 -30.93 1.93 -21.06
N TRP B 33 -31.48 3.02 -20.52
CA TRP B 33 -32.32 2.96 -19.32
C TRP B 33 -33.33 4.09 -19.45
N HIS B 34 -34.57 3.73 -19.82
CA HIS B 34 -35.59 4.71 -20.21
C HIS B 34 -35.05 5.63 -21.29
N GLY B 35 -34.56 5.01 -22.36
CA GLY B 35 -33.90 5.72 -23.45
C GLY B 35 -32.40 5.68 -23.34
N ASP B 36 -31.75 6.44 -24.21
CA ASP B 36 -30.30 6.47 -24.23
C ASP B 36 -29.75 7.08 -22.95
N VAL B 37 -28.69 6.48 -22.43
CA VAL B 37 -27.96 6.96 -21.26
C VAL B 37 -26.49 6.65 -21.47
N ALA B 38 -25.65 7.37 -20.76
CA ALA B 38 -24.23 7.05 -20.65
C ALA B 38 -23.98 6.37 -19.31
N VAL B 39 -23.23 5.27 -19.35
CA VAL B 39 -22.96 4.45 -18.17
C VAL B 39 -21.46 4.43 -17.96
N LYS B 40 -20.98 5.08 -16.90
CA LYS B 40 -19.56 5.09 -16.55
C LYS B 40 -19.34 4.07 -15.44
N MET B 41 -18.55 3.04 -15.74
CA MET B 41 -18.42 1.88 -14.88
C MET B 41 -17.00 1.73 -14.36
N LEU B 42 -16.87 0.95 -13.29
CA LEU B 42 -15.58 0.53 -12.74
C LEU B 42 -15.46 -0.96 -12.99
N ASN B 43 -14.66 -1.33 -13.99
CA ASN B 43 -14.52 -2.73 -14.39
C ASN B 43 -13.77 -3.57 -13.36
N VAL B 44 -13.26 -2.97 -12.30
CA VAL B 44 -12.53 -3.71 -11.28
C VAL B 44 -13.50 -4.58 -10.49
N THR B 45 -13.21 -5.87 -10.40
CA THR B 45 -14.09 -6.78 -9.67
C THR B 45 -14.05 -6.49 -8.17
N ALA B 46 -12.87 -6.12 -7.65
CA ALA B 46 -12.69 -5.83 -6.23
C ALA B 46 -12.42 -4.34 -6.05
N PRO B 47 -13.44 -3.52 -5.80
CA PRO B 47 -13.20 -2.09 -5.57
C PRO B 47 -12.41 -1.87 -4.29
N THR B 48 -11.40 -1.02 -4.38
CA THR B 48 -10.60 -0.63 -3.21
C THR B 48 -11.40 0.36 -2.38
N PRO B 49 -10.98 0.61 -1.13
CA PRO B 49 -11.60 1.72 -0.38
C PRO B 49 -11.53 3.03 -1.13
N GLN B 50 -10.39 3.33 -1.75
CA GLN B 50 -10.27 4.57 -2.53
C GLN B 50 -11.20 4.54 -3.73
N GLN B 51 -11.57 3.36 -4.20
CA GLN B 51 -12.51 3.24 -5.31
C GLN B 51 -13.94 3.52 -4.85
N LEU B 52 -14.36 2.87 -3.76
CA LEU B 52 -15.69 3.13 -3.20
C LEU B 52 -15.78 4.55 -2.65
N GLN B 53 -14.69 5.05 -2.07
CA GLN B 53 -14.64 6.45 -1.65
C GLN B 53 -14.94 7.38 -2.82
N ALA B 54 -14.19 7.22 -3.91
CA ALA B 54 -14.41 8.06 -5.08
C ALA B 54 -15.81 7.88 -5.65
N PHE B 55 -16.32 6.65 -5.64
CA PHE B 55 -17.65 6.40 -6.18
C PHE B 55 -18.72 7.06 -5.33
N LYS B 56 -18.63 6.90 -4.01
CA LYS B 56 -19.58 7.55 -3.10
C LYS B 56 -19.46 9.07 -3.18
N ASN B 57 -18.23 9.59 -3.22
CA ASN B 57 -18.03 11.03 -3.33
C ASN B 57 -18.67 11.59 -4.60
N GLU B 58 -18.48 10.90 -5.73
CA GLU B 58 -18.99 11.43 -7.00
C GLU B 58 -20.52 11.41 -7.04
N VAL B 59 -21.14 10.31 -6.59
CA VAL B 59 -22.60 10.24 -6.57
C VAL B 59 -23.16 11.30 -5.63
N GLY B 60 -22.56 11.47 -4.46
CA GLY B 60 -23.04 12.48 -3.53
C GLY B 60 -22.94 13.89 -4.09
N VAL B 61 -21.91 14.16 -4.89
CA VAL B 61 -21.78 15.48 -5.50
C VAL B 61 -22.78 15.63 -6.64
N LEU B 62 -22.86 14.64 -7.52
CA LEU B 62 -23.76 14.73 -8.66
C LEU B 62 -25.21 14.91 -8.22
N ARG B 63 -25.61 14.25 -7.13
CA ARG B 63 -27.01 14.35 -6.72
C ARG B 63 -27.38 15.74 -6.20
N LYS B 64 -26.39 16.59 -5.93
CA LYS B 64 -26.63 17.96 -5.51
C LYS B 64 -26.80 18.91 -6.69
N THR B 65 -26.68 18.44 -7.94
CA THR B 65 -26.67 19.30 -9.11
C THR B 65 -27.94 19.12 -9.92
N ARG B 66 -28.62 20.24 -10.20
CA ARG B 66 -29.77 20.31 -11.12
C ARG B 66 -29.63 21.62 -11.88
N HIS B 67 -28.95 21.57 -13.02
CA HIS B 67 -28.72 22.77 -13.82
C HIS B 67 -28.48 22.35 -15.26
N VAL B 68 -28.96 23.16 -16.21
CA VAL B 68 -28.92 22.75 -17.61
C VAL B 68 -27.49 22.65 -18.13
N ASN B 69 -26.54 23.38 -17.55
CA ASN B 69 -25.16 23.32 -17.99
C ASN B 69 -24.33 22.31 -17.21
N ILE B 70 -24.96 21.51 -16.35
CA ILE B 70 -24.32 20.40 -15.67
C ILE B 70 -24.89 19.10 -16.25
N LEU B 71 -24.00 18.17 -16.61
CA LEU B 71 -24.42 16.85 -17.06
C LEU B 71 -25.45 16.26 -16.10
N LEU B 72 -26.58 15.81 -16.65
CA LEU B 72 -27.68 15.35 -15.81
C LEU B 72 -27.37 13.98 -15.21
N PHE B 73 -27.12 13.94 -13.90
CA PHE B 73 -27.06 12.67 -13.19
C PHE B 73 -28.45 12.07 -13.10
N MET B 74 -28.55 10.75 -13.33
CA MET B 74 -29.82 10.05 -13.34
C MET B 74 -29.90 8.90 -12.35
N GLY B 75 -28.79 8.33 -11.93
CA GLY B 75 -28.82 7.25 -10.98
C GLY B 75 -27.48 6.54 -10.92
N TYR B 76 -27.42 5.53 -10.05
CA TYR B 76 -26.24 4.72 -9.90
C TYR B 76 -26.64 3.27 -9.69
N SER B 77 -25.71 2.37 -10.03
CA SER B 77 -25.89 0.94 -9.83
C SER B 77 -24.69 0.38 -9.10
N THR B 78 -24.94 -0.45 -8.08
CA THR B 78 -23.89 -1.14 -7.35
C THR B 78 -23.77 -2.61 -7.73
N LYS B 79 -24.70 -3.13 -8.53
CA LYS B 79 -24.66 -4.50 -9.00
C LYS B 79 -25.12 -4.49 -10.45
N PRO B 80 -24.39 -5.14 -11.38
CA PRO B 80 -23.16 -5.92 -11.17
C PRO B 80 -21.95 -5.06 -10.79
N GLN B 81 -21.47 -4.21 -11.68
CA GLN B 81 -20.32 -3.35 -11.38
C GLN B 81 -20.80 -1.98 -10.94
N LEU B 82 -19.90 -1.26 -10.27
CA LEU B 82 -20.18 0.11 -9.85
C LEU B 82 -20.31 1.00 -11.07
N ALA B 83 -21.49 1.60 -11.25
CA ALA B 83 -21.78 2.38 -12.44
C ALA B 83 -22.55 3.64 -12.08
N ILE B 84 -22.23 4.73 -12.76
CA ILE B 84 -22.95 5.99 -12.67
C ILE B 84 -23.65 6.24 -14.00
N VAL B 85 -24.93 6.57 -13.93
CA VAL B 85 -25.76 6.76 -15.13
C VAL B 85 -26.07 8.24 -15.27
N THR B 86 -25.80 8.79 -16.45
CA THR B 86 -26.09 10.17 -16.80
C THR B 86 -26.83 10.21 -18.12
N GLN B 87 -27.34 11.39 -18.48
CA GLN B 87 -27.92 11.56 -19.80
C GLN B 87 -26.87 11.29 -20.88
N TRP B 88 -27.34 10.87 -22.04
CA TRP B 88 -26.49 10.68 -23.20
C TRP B 88 -26.45 11.98 -24.00
N CYS B 89 -25.26 12.57 -24.11
CA CYS B 89 -25.08 13.80 -24.85
C CYS B 89 -24.87 13.52 -26.33
N GLU B 90 -25.57 14.27 -27.17
CA GLU B 90 -25.42 14.18 -28.62
C GLU B 90 -24.40 15.21 -29.09
N GLY B 91 -23.46 14.77 -29.93
CA GLY B 91 -22.44 15.63 -30.48
C GLY B 91 -21.06 15.23 -29.99
N SER B 92 -20.23 16.25 -29.74
CA SER B 92 -18.85 16.03 -29.38
C SER B 92 -18.45 16.96 -28.23
N SER B 93 -17.31 16.68 -27.64
CA SER B 93 -16.75 17.52 -26.59
C SER B 93 -16.09 18.76 -27.20
N LEU B 94 -15.93 19.78 -26.36
CA LEU B 94 -15.29 21.02 -26.81
C LEU B 94 -13.87 20.76 -27.27
N TYR B 95 -13.17 19.83 -26.60
CA TYR B 95 -11.82 19.48 -27.03
C TYR B 95 -11.83 18.86 -28.41
N HIS B 96 -12.81 18.01 -28.70
CA HIS B 96 -12.94 17.43 -30.03
C HIS B 96 -13.20 18.51 -31.07
N HIS B 97 -14.08 19.46 -30.73
CA HIS B 97 -14.45 20.52 -31.66
C HIS B 97 -13.25 21.41 -31.98
N LEU B 98 -12.52 21.85 -30.95
CA LEU B 98 -11.47 22.82 -31.16
C LEU B 98 -10.19 22.20 -31.70
N HIS B 99 -9.88 20.96 -31.30
CA HIS B 99 -8.55 20.41 -31.56
C HIS B 99 -8.52 19.16 -32.43
N ILE B 100 -9.65 18.52 -32.69
CA ILE B 100 -9.70 17.35 -33.56
C ILE B 100 -10.34 17.68 -34.91
N ILE B 101 -11.60 18.13 -34.91
CA ILE B 101 -12.30 18.45 -36.15
C ILE B 101 -12.22 19.93 -36.51
N GLU B 102 -11.71 20.78 -35.63
CA GLU B 102 -11.49 22.20 -35.91
C GLU B 102 -12.76 22.88 -36.41
N THR B 103 -13.84 22.70 -35.66
CA THR B 103 -15.10 23.37 -35.97
C THR B 103 -14.91 24.89 -35.97
N LYS B 104 -15.39 25.55 -37.01
CA LYS B 104 -15.23 27.00 -37.16
C LYS B 104 -16.39 27.70 -36.48
N PHE B 105 -16.27 27.86 -35.17
CA PHE B 105 -17.27 28.62 -34.42
C PHE B 105 -17.11 30.11 -34.68
N GLU B 106 -18.24 30.78 -34.92
CA GLU B 106 -18.24 32.24 -34.93
C GLU B 106 -17.96 32.76 -33.52
N MET B 107 -17.51 34.02 -33.45
CA MET B 107 -17.14 34.59 -32.15
C MET B 107 -18.34 34.66 -31.21
N ILE B 108 -19.54 34.89 -31.76
CA ILE B 108 -20.73 34.93 -30.92
C ILE B 108 -20.96 33.57 -30.26
N LYS B 109 -20.70 32.49 -30.99
CA LYS B 109 -20.85 31.16 -30.40
C LYS B 109 -19.73 30.86 -29.42
N LEU B 110 -18.50 31.28 -29.75
CA LEU B 110 -17.39 31.11 -28.82
C LEU B 110 -17.67 31.81 -27.49
N ILE B 111 -18.24 33.01 -27.55
CA ILE B 111 -18.59 33.72 -26.32
C ILE B 111 -19.72 33.01 -25.60
N ASP B 112 -20.72 32.52 -26.34
CA ASP B 112 -21.83 31.82 -25.71
C ASP B 112 -21.37 30.51 -25.07
N ILE B 113 -20.41 29.82 -25.68
CA ILE B 113 -19.84 28.63 -25.06
C ILE B 113 -19.14 29.00 -23.76
N ALA B 114 -18.37 30.10 -23.77
CA ALA B 114 -17.74 30.58 -22.56
C ALA B 114 -18.79 30.99 -21.53
N ARG B 115 -19.84 31.67 -21.97
CA ARG B 115 -20.90 32.11 -21.06
C ARG B 115 -21.58 30.92 -20.38
N GLN B 116 -21.95 29.91 -21.18
CA GLN B 116 -22.64 28.74 -20.64
C GLN B 116 -21.74 27.96 -19.69
N THR B 117 -20.44 27.85 -20.04
CA THR B 117 -19.50 27.18 -19.15
C THR B 117 -19.39 27.92 -17.83
N ALA B 118 -19.22 29.24 -17.88
CA ALA B 118 -19.23 30.04 -16.66
C ALA B 118 -20.55 29.92 -15.92
N GLN B 119 -21.64 29.76 -16.67
CA GLN B 119 -22.95 29.59 -16.07
C GLN B 119 -23.01 28.34 -15.21
N GLY B 120 -22.51 27.22 -15.74
CA GLY B 120 -22.52 25.98 -14.98
C GLY B 120 -21.56 26.01 -13.80
N MET B 121 -20.37 26.58 -14.00
CA MET B 121 -19.41 26.67 -12.91
C MET B 121 -19.92 27.57 -11.79
N ASP B 122 -20.55 28.69 -12.13
CA ASP B 122 -21.14 29.55 -11.12
C ASP B 122 -22.18 28.80 -10.30
N TYR B 123 -22.97 27.94 -10.95
CA TYR B 123 -23.93 27.10 -10.23
C TYR B 123 -23.21 26.15 -9.27
N LEU B 124 -22.14 25.51 -9.74
CA LEU B 124 -21.42 24.55 -8.90
C LEU B 124 -20.85 25.24 -7.68
N HIS B 125 -20.26 26.42 -7.87
CA HIS B 125 -19.66 27.12 -6.75
C HIS B 125 -20.72 27.67 -5.79
N ALA B 126 -21.94 27.92 -6.27
CA ALA B 126 -23.01 28.30 -5.36
C ALA B 126 -23.45 27.12 -4.51
N LYS B 127 -23.31 25.90 -5.04
CA LYS B 127 -23.52 24.68 -4.27
C LYS B 127 -22.28 24.27 -3.47
N SER B 128 -21.26 25.13 -3.39
CA SER B 128 -20.00 24.84 -2.69
C SER B 128 -19.28 23.62 -3.28
N ILE B 129 -19.40 23.43 -4.59
CA ILE B 129 -18.76 22.31 -5.28
C ILE B 129 -17.54 22.85 -6.03
N ILE B 130 -16.37 22.31 -5.73
CA ILE B 130 -15.17 22.54 -6.54
C ILE B 130 -15.06 21.37 -7.50
N HIS B 131 -14.98 21.66 -8.81
CA HIS B 131 -15.01 20.58 -9.80
C HIS B 131 -13.69 19.84 -9.83
N ARG B 132 -12.58 20.57 -9.82
CA ARG B 132 -11.21 20.07 -9.76
C ARG B 132 -10.76 19.31 -11.02
N ASP B 133 -11.57 19.24 -12.07
CA ASP B 133 -11.13 18.58 -13.30
C ASP B 133 -11.78 19.24 -14.51
N LEU B 134 -11.90 20.57 -14.47
CA LEU B 134 -12.47 21.29 -15.60
C LEU B 134 -11.46 21.35 -16.72
N LYS B 135 -11.86 20.89 -17.89
CA LYS B 135 -11.04 20.92 -19.10
C LYS B 135 -11.99 20.72 -20.28
N SER B 136 -11.52 21.09 -21.47
CA SER B 136 -12.39 21.03 -22.64
C SER B 136 -12.90 19.61 -22.91
N ASN B 137 -12.12 18.59 -22.54
CA ASN B 137 -12.59 17.21 -22.73
C ASN B 137 -13.82 16.91 -21.89
N ASN B 138 -14.04 17.66 -20.79
CA ASN B 138 -15.17 17.42 -19.90
C ASN B 138 -16.30 18.42 -20.11
N ILE B 139 -16.25 19.19 -21.19
CA ILE B 139 -17.33 20.10 -21.57
C ILE B 139 -17.92 19.55 -22.86
N PHE B 140 -19.14 19.05 -22.79
N PHE B 140 -19.15 19.06 -22.78
CA PHE B 140 -19.82 18.50 -23.95
CA PHE B 140 -19.83 18.50 -23.95
C PHE B 140 -20.73 19.56 -24.56
C PHE B 140 -20.73 19.56 -24.56
N LEU B 141 -20.73 19.64 -25.89
CA LEU B 141 -21.60 20.57 -26.62
C LEU B 141 -22.82 19.80 -27.08
N HIS B 142 -23.76 19.62 -26.15
CA HIS B 142 -24.94 18.80 -26.39
C HIS B 142 -25.81 19.40 -27.50
N GLU B 143 -26.08 18.57 -28.52
CA GLU B 143 -26.87 18.98 -29.69
C GLU B 143 -26.26 20.19 -30.39
N ASP B 144 -24.94 20.36 -30.25
CA ASP B 144 -24.22 21.51 -30.80
C ASP B 144 -24.76 22.83 -30.26
N LEU B 145 -25.37 22.83 -29.07
CA LEU B 145 -26.07 24.02 -28.59
C LEU B 145 -25.86 24.32 -27.11
N THR B 146 -25.90 23.29 -26.27
CA THR B 146 -25.92 23.48 -24.82
C THR B 146 -24.67 22.87 -24.20
N VAL B 147 -23.92 23.68 -23.46
CA VAL B 147 -22.75 23.20 -22.75
C VAL B 147 -23.20 22.28 -21.61
N LYS B 148 -22.57 21.11 -21.51
CA LYS B 148 -22.77 20.20 -20.39
C LYS B 148 -21.41 19.94 -19.75
N ILE B 149 -21.24 20.36 -18.50
CA ILE B 149 -20.01 20.08 -17.77
C ILE B 149 -20.12 18.70 -17.15
N GLY B 150 -19.20 17.81 -17.52
CA GLY B 150 -19.24 16.44 -17.03
C GLY B 150 -18.04 16.03 -16.22
N ASP B 151 -17.84 14.71 -16.10
CA ASP B 151 -16.77 14.06 -15.35
C ASP B 151 -16.51 14.67 -13.98
N PHE B 152 -17.35 14.31 -13.01
CA PHE B 152 -17.19 14.74 -11.63
C PHE B 152 -16.37 13.75 -10.79
N GLY B 153 -15.43 13.03 -11.42
CA GLY B 153 -14.63 12.03 -10.71
C GLY B 153 -13.70 12.60 -9.65
N LEU B 154 -13.33 13.88 -9.75
CA LEU B 154 -12.49 14.52 -8.74
C LEU B 154 -13.23 15.58 -7.96
N ALA B 155 -14.50 15.84 -8.27
CA ALA B 155 -15.24 16.92 -7.64
C ALA B 155 -15.37 16.68 -6.14
N THR B 156 -15.30 17.77 -5.37
CA THR B 156 -15.49 17.73 -3.93
C THR B 156 -16.43 18.85 -3.50
N VAL B 157 -17.03 18.67 -2.34
CA VAL B 157 -17.85 19.69 -1.69
C VAL B 157 -16.97 20.39 -0.67
N LYS B 158 -16.74 21.69 -0.89
CA LYS B 158 -15.93 22.47 0.05
C LYS B 158 -16.65 22.59 1.39
N SER B 159 -15.95 22.20 2.46
CA SER B 159 -16.50 22.20 3.81
C SER B 159 -15.57 22.99 4.72
N ARG B 160 -15.95 23.07 6.00
CA ARG B 160 -15.12 23.72 7.00
C ARG B 160 -13.97 22.84 7.47
N TRP B 161 -13.93 21.58 7.06
CA TRP B 161 -12.90 20.66 7.52
C TRP B 161 -12.36 19.81 6.38
N GLU B 168 -1.03 12.75 -0.64
CA GLU B 168 -1.79 13.00 -1.86
C GLU B 168 -0.85 13.21 -3.04
N GLN B 169 -1.20 12.64 -4.19
CA GLN B 169 -0.41 12.76 -5.40
C GLN B 169 -1.17 13.59 -6.43
N LEU B 170 -0.41 14.22 -7.34
CA LEU B 170 -1.02 15.07 -8.35
C LEU B 170 -1.94 14.26 -9.25
N SER B 171 -3.14 14.79 -9.50
CA SER B 171 -4.17 14.04 -10.22
C SER B 171 -4.92 15.00 -11.13
N GLY B 172 -4.90 14.74 -12.44
CA GLY B 172 -5.63 15.51 -13.42
C GLY B 172 -4.78 15.76 -14.66
N SER B 173 -5.25 16.70 -15.49
CA SER B 173 -4.59 17.07 -16.73
C SER B 173 -3.83 18.37 -16.53
N ILE B 174 -2.53 18.35 -16.77
CA ILE B 174 -1.65 19.43 -16.33
C ILE B 174 -1.96 20.74 -17.04
N LEU B 175 -2.51 20.69 -18.25
CA LEU B 175 -2.72 21.93 -19.01
C LEU B 175 -3.69 22.88 -18.31
N TRP B 176 -4.66 22.36 -17.57
CA TRP B 176 -5.67 23.18 -16.92
C TRP B 176 -5.41 23.38 -15.42
N MET B 177 -4.23 23.02 -14.93
CA MET B 177 -3.93 23.08 -13.50
C MET B 177 -3.32 24.42 -13.14
N ALA B 178 -3.90 25.09 -12.14
CA ALA B 178 -3.33 26.32 -11.63
C ALA B 178 -1.97 26.03 -11.00
N PRO B 179 -1.03 26.99 -11.08
CA PRO B 179 0.30 26.75 -10.50
C PRO B 179 0.27 26.23 -9.07
N GLU B 180 -0.62 26.76 -8.22
CA GLU B 180 -0.71 26.27 -6.85
C GLU B 180 -1.26 24.85 -6.78
N VAL B 181 -2.02 24.41 -7.79
CA VAL B 181 -2.45 23.02 -7.82
C VAL B 181 -1.27 22.11 -8.18
N ILE B 182 -0.52 22.48 -9.21
CA ILE B 182 0.68 21.74 -9.58
C ILE B 182 1.63 21.60 -8.39
N ARG B 183 1.84 22.70 -7.64
CA ARG B 183 2.83 22.68 -6.58
C ARG B 183 2.42 21.79 -5.42
N MET B 184 1.12 21.72 -5.13
CA MET B 184 0.57 20.86 -4.07
C MET B 184 1.30 21.10 -2.74
N GLN B 185 1.51 22.38 -2.43
CA GLN B 185 2.20 22.77 -1.20
C GLN B 185 1.31 23.52 -0.22
N ASP B 186 0.31 24.25 -0.68
CA ASP B 186 -0.62 24.91 0.23
C ASP B 186 -1.48 23.88 0.95
N LYS B 187 -2.09 24.33 2.06
CA LYS B 187 -2.95 23.44 2.83
C LYS B 187 -4.15 23.00 2.03
N ASN B 188 -4.66 23.88 1.17
CA ASN B 188 -5.77 23.59 0.26
C ASN B 188 -5.38 24.06 -1.13
N PRO B 189 -4.69 23.23 -1.91
CA PRO B 189 -4.30 23.66 -3.26
C PRO B 189 -5.50 23.94 -4.16
N TYR B 190 -6.59 23.19 -3.98
CA TYR B 190 -7.78 23.38 -4.78
C TYR B 190 -8.70 24.39 -4.11
N SER B 191 -9.28 25.27 -4.92
CA SER B 191 -10.22 26.28 -4.44
C SER B 191 -11.17 26.61 -5.59
N PHE B 192 -12.11 27.52 -5.32
CA PHE B 192 -12.91 28.06 -6.41
C PHE B 192 -12.03 28.73 -7.44
N GLN B 193 -10.95 29.37 -6.98
CA GLN B 193 -10.07 30.11 -7.88
C GLN B 193 -9.25 29.20 -8.78
N SER B 194 -8.98 27.95 -8.35
CA SER B 194 -8.30 27.04 -9.27
C SER B 194 -9.25 26.52 -10.33
N ASP B 195 -10.54 26.35 -10.01
CA ASP B 195 -11.53 26.13 -11.05
C ASP B 195 -11.56 27.30 -12.03
N VAL B 196 -11.43 28.52 -11.52
CA VAL B 196 -11.40 29.70 -12.38
C VAL B 196 -10.20 29.63 -13.33
N TYR B 197 -9.05 29.18 -12.84
CA TYR B 197 -7.88 29.08 -13.69
C TYR B 197 -8.12 28.08 -14.81
N ALA B 198 -8.68 26.91 -14.47
CA ALA B 198 -9.00 25.93 -15.51
C ALA B 198 -9.93 26.54 -16.54
N PHE B 199 -10.92 27.30 -16.09
CA PHE B 199 -11.82 27.99 -17.01
C PHE B 199 -11.06 28.98 -17.88
N GLY B 200 -10.01 29.60 -17.33
CA GLY B 200 -9.21 30.53 -18.11
C GLY B 200 -8.49 29.84 -19.25
N ILE B 201 -8.05 28.61 -19.02
CA ILE B 201 -7.42 27.83 -20.09
C ILE B 201 -8.44 27.47 -21.16
N VAL B 202 -9.68 27.15 -20.74
CA VAL B 202 -10.75 26.93 -21.71
C VAL B 202 -10.96 28.17 -22.57
N LEU B 203 -10.92 29.36 -21.95
CA LEU B 203 -11.01 30.59 -22.72
C LEU B 203 -9.86 30.71 -23.71
N TYR B 204 -8.66 30.31 -23.29
CA TYR B 204 -7.51 30.28 -24.19
C TYR B 204 -7.78 29.34 -25.37
N GLU B 205 -8.33 28.15 -25.09
CA GLU B 205 -8.66 27.23 -26.17
C GLU B 205 -9.67 27.84 -27.13
N LEU B 206 -10.70 28.50 -26.59
CA LEU B 206 -11.75 29.06 -27.43
C LEU B 206 -11.22 30.21 -28.29
N MET B 207 -10.40 31.09 -27.71
CA MET B 207 -9.99 32.29 -28.39
C MET B 207 -8.72 32.13 -29.21
N THR B 208 -8.01 31.01 -29.06
CA THR B 208 -6.85 30.73 -29.90
C THR B 208 -7.03 29.51 -30.80
N GLY B 209 -7.96 28.62 -30.48
CA GLY B 209 -8.10 27.35 -31.16
C GLY B 209 -7.01 26.34 -30.85
N GLN B 210 -6.12 26.64 -29.91
CA GLN B 210 -4.99 25.77 -29.60
C GLN B 210 -4.97 25.43 -28.12
N LEU B 211 -4.29 24.33 -27.80
CA LEU B 211 -3.91 24.06 -26.43
C LEU B 211 -2.71 24.94 -26.05
N PRO B 212 -2.58 25.32 -24.78
CA PRO B 212 -1.39 26.07 -24.36
C PRO B 212 -0.15 25.21 -24.43
N TYR B 213 0.99 25.90 -24.50
CA TYR B 213 2.31 25.26 -24.45
C TYR B 213 2.50 24.25 -25.59
N SER B 214 1.92 24.57 -26.76
CA SER B 214 1.99 23.67 -27.90
C SER B 214 3.42 23.47 -28.39
N ASN B 215 4.31 24.42 -28.11
CA ASN B 215 5.71 24.34 -28.49
C ASN B 215 6.56 23.62 -27.45
N ILE B 216 5.96 23.13 -26.37
CA ILE B 216 6.68 22.46 -25.29
C ILE B 216 6.23 21.00 -25.29
N ASN B 217 7.14 20.10 -25.64
CA ASN B 217 6.82 18.68 -25.78
C ASN B 217 7.38 17.85 -24.63
N ASN B 218 7.54 18.44 -23.45
CA ASN B 218 8.11 17.77 -22.30
C ASN B 218 7.15 18.01 -21.13
N ARG B 219 6.49 16.93 -20.68
CA ARG B 219 5.47 17.08 -19.65
C ARG B 219 6.06 17.54 -18.32
N ASP B 220 7.21 17.00 -17.94
CA ASP B 220 7.82 17.40 -16.67
C ASP B 220 8.36 18.82 -16.73
N GLN B 221 8.78 19.28 -17.91
CA GLN B 221 9.15 20.68 -18.05
C GLN B 221 7.96 21.60 -17.84
N ILE B 222 6.80 21.23 -18.40
CA ILE B 222 5.59 22.03 -18.19
C ILE B 222 5.26 22.11 -16.71
N ILE B 223 5.33 20.98 -16.01
CA ILE B 223 5.00 20.94 -14.59
C ILE B 223 5.91 21.87 -13.79
N PHE B 224 7.23 21.72 -13.95
CA PHE B 224 8.17 22.56 -13.20
C PHE B 224 7.99 24.04 -13.54
N MET B 225 7.94 24.36 -14.83
CA MET B 225 7.97 25.78 -15.22
C MET B 225 6.65 26.47 -14.90
N VAL B 226 5.51 25.79 -15.11
CA VAL B 226 4.24 26.41 -14.76
C VAL B 226 4.11 26.56 -13.25
N GLY B 227 4.50 25.55 -12.49
CA GLY B 227 4.41 25.64 -11.03
C GLY B 227 5.31 26.71 -10.45
N ARG B 228 6.47 26.94 -11.07
CA ARG B 228 7.40 27.99 -10.67
C ARG B 228 7.03 29.35 -11.22
N GLY B 229 5.97 29.44 -12.03
CA GLY B 229 5.61 30.72 -12.64
C GLY B 229 6.54 31.15 -13.74
N TYR B 230 7.33 30.23 -14.30
CA TYR B 230 8.23 30.58 -15.40
C TYR B 230 7.52 30.49 -16.75
N LEU B 231 6.48 29.67 -16.82
CA LEU B 231 5.76 29.40 -18.07
C LEU B 231 4.29 29.68 -17.86
N SER B 232 3.70 30.41 -18.79
CA SER B 232 2.28 30.71 -18.78
C SER B 232 1.80 30.80 -20.22
N PRO B 233 0.49 30.66 -20.46
CA PRO B 233 0.01 30.62 -21.84
C PRO B 233 0.39 31.85 -22.66
N ASP B 234 0.71 31.61 -23.92
CA ASP B 234 1.12 32.68 -24.84
C ASP B 234 -0.13 33.41 -25.32
N LEU B 235 -0.47 34.51 -24.64
CA LEU B 235 -1.70 35.24 -24.95
C LEU B 235 -1.64 35.96 -26.29
N SER B 236 -0.49 35.97 -26.97
CA SER B 236 -0.43 36.56 -28.30
C SER B 236 -1.07 35.68 -29.35
N LYS B 237 -1.30 34.39 -29.04
CA LYS B 237 -2.01 33.49 -29.96
C LYS B 237 -3.50 33.81 -30.04
N VAL B 238 -3.99 34.74 -29.23
CA VAL B 238 -5.41 35.10 -29.25
C VAL B 238 -5.75 35.73 -30.60
N ARG B 239 -6.79 35.20 -31.24
CA ARG B 239 -7.17 35.67 -32.56
C ARG B 239 -7.63 37.13 -32.52
N SER B 240 -7.55 37.79 -33.67
CA SER B 240 -7.83 39.22 -33.73
C SER B 240 -9.30 39.54 -33.51
N ASN B 241 -10.20 38.62 -33.88
CA ASN B 241 -11.62 38.84 -33.70
C ASN B 241 -12.05 38.70 -32.24
N CYS B 242 -11.15 38.32 -31.35
CA CYS B 242 -11.48 38.21 -29.94
C CYS B 242 -11.66 39.61 -29.35
N PRO B 243 -12.77 39.87 -28.65
CA PRO B 243 -12.96 41.19 -28.04
C PRO B 243 -11.89 41.48 -26.99
N LYS B 244 -11.65 42.78 -26.77
CA LYS B 244 -10.64 43.18 -25.79
C LYS B 244 -11.04 42.75 -24.38
N ALA B 245 -12.33 42.86 -24.05
CA ALA B 245 -12.78 42.46 -22.72
C ALA B 245 -12.61 40.96 -22.48
N MET B 246 -12.56 40.15 -23.54
CA MET B 246 -12.43 38.71 -23.36
C MET B 246 -10.98 38.31 -23.09
N LYS B 247 -10.04 38.86 -23.85
CA LYS B 247 -8.63 38.61 -23.56
C LYS B 247 -8.24 39.14 -22.20
N ARG B 248 -8.85 40.24 -21.77
CA ARG B 248 -8.57 40.78 -20.45
C ARG B 248 -9.16 39.90 -19.36
N LEU B 249 -10.38 39.41 -19.56
CA LEU B 249 -10.97 38.48 -18.59
C LEU B 249 -10.18 37.18 -18.54
N MET B 250 -9.72 36.71 -19.69
CA MET B 250 -8.94 35.47 -19.74
C MET B 250 -7.63 35.63 -18.99
N ALA B 251 -6.97 36.79 -19.14
CA ALA B 251 -5.72 37.03 -18.43
C ALA B 251 -5.95 37.14 -16.93
N GLU B 252 -7.10 37.64 -16.50
CA GLU B 252 -7.38 37.75 -15.08
C GLU B 252 -7.71 36.39 -14.47
N CYS B 253 -8.35 35.52 -15.25
CA CYS B 253 -8.61 34.17 -14.77
C CYS B 253 -7.33 33.35 -14.66
N LEU B 254 -6.32 33.69 -15.47
CA LEU B 254 -5.07 32.94 -15.53
C LEU B 254 -3.99 33.48 -14.60
N LYS B 255 -4.32 34.40 -13.70
CA LYS B 255 -3.31 34.97 -12.81
C LYS B 255 -2.64 33.88 -12.00
N LYS B 256 -1.31 33.97 -11.87
CA LYS B 256 -0.57 32.95 -11.16
C LYS B 256 -0.95 32.90 -9.69
N LYS B 257 -1.23 34.07 -9.10
CA LYS B 257 -1.65 34.17 -7.71
C LYS B 257 -3.17 34.05 -7.63
N ARG B 258 -3.64 33.04 -6.90
CA ARG B 258 -5.05 32.67 -6.98
C ARG B 258 -5.97 33.74 -6.42
N ASP B 259 -5.48 34.55 -5.47
CA ASP B 259 -6.30 35.60 -4.89
C ASP B 259 -6.56 36.74 -5.86
N GLU B 260 -5.82 36.82 -6.97
CA GLU B 260 -6.08 37.85 -7.97
C GLU B 260 -7.08 37.39 -9.02
N ARG B 261 -7.48 36.12 -9.02
CA ARG B 261 -8.47 35.67 -9.98
C ARG B 261 -9.86 36.08 -9.53
N PRO B 262 -10.75 36.42 -10.46
CA PRO B 262 -12.14 36.70 -10.10
C PRO B 262 -12.92 35.41 -9.87
N LEU B 263 -14.07 35.55 -9.23
CA LEU B 263 -14.98 34.45 -9.03
C LEU B 263 -16.05 34.45 -10.13
N PHE B 264 -16.78 33.35 -10.22
CA PHE B 264 -17.65 33.16 -11.35
C PHE B 264 -18.86 34.10 -11.41
N PRO B 265 -19.39 34.61 -10.29
CA PRO B 265 -20.42 35.65 -10.43
C PRO B 265 -19.93 36.84 -11.23
N GLN B 266 -18.70 37.28 -10.98
CA GLN B 266 -18.14 38.42 -11.70
C GLN B 266 -17.71 38.05 -13.13
N ILE B 267 -17.20 36.83 -13.33
CA ILE B 267 -16.86 36.37 -14.67
C ILE B 267 -18.09 36.38 -15.56
N LEU B 268 -19.23 35.94 -15.01
CA LEU B 268 -20.46 35.88 -15.78
C LEU B 268 -20.90 37.27 -16.24
N ALA B 269 -20.86 38.24 -15.32
CA ALA B 269 -21.29 39.60 -15.66
C ALA B 269 -20.38 40.22 -16.71
N SER B 270 -19.08 39.92 -16.65
CA SER B 270 -18.15 40.45 -17.65
C SER B 270 -18.45 39.88 -19.03
N ILE B 271 -18.73 38.58 -19.11
CA ILE B 271 -19.06 37.97 -20.40
C ILE B 271 -20.37 38.53 -20.93
N GLU B 272 -21.36 38.69 -20.06
CA GLU B 272 -22.67 39.19 -20.49
C GLU B 272 -22.57 40.60 -21.07
N LEU B 273 -21.89 41.49 -20.36
CA LEU B 273 -21.67 42.84 -20.90
C LEU B 273 -20.91 42.78 -22.21
N LEU B 274 -19.87 41.95 -22.26
CA LEU B 274 -19.12 41.74 -23.50
C LEU B 274 -20.04 41.27 -24.62
N ALA B 275 -20.95 40.34 -24.32
CA ALA B 275 -21.85 39.80 -25.34
C ALA B 275 -22.80 40.86 -25.87
N ARG B 276 -23.23 41.80 -25.03
CA ARG B 276 -24.09 42.87 -25.51
C ARG B 276 -23.33 43.86 -26.38
N SER B 277 -22.02 44.02 -26.13
CA SER B 277 -21.21 44.97 -26.85
C SER B 277 -20.71 44.46 -28.19
N LEU B 278 -21.29 43.38 -28.71
CA LEU B 278 -20.92 42.87 -30.03
C LEU B 278 -21.90 43.33 -31.09
N LEU C 2 32.74 3.45 -32.44
CA LEU C 2 32.60 2.43 -33.47
C LEU C 2 32.88 1.05 -32.91
N GLU C 3 33.83 0.97 -31.97
CA GLU C 3 34.16 -0.31 -31.36
C GLU C 3 33.03 -0.82 -30.47
N GLU C 4 32.27 0.09 -29.86
CA GLU C 4 31.10 -0.31 -29.08
C GLU C 4 29.98 -0.85 -29.97
N LEU C 5 29.95 -0.45 -31.25
CA LEU C 5 28.92 -0.87 -32.17
C LEU C 5 29.12 -2.29 -32.69
N GLU C 6 30.27 -2.90 -32.43
CA GLU C 6 30.55 -4.24 -32.93
C GLU C 6 29.88 -5.29 -32.06
N LEU C 7 29.52 -6.41 -32.68
CA LEU C 7 28.86 -7.53 -32.02
C LEU C 7 29.75 -8.76 -32.05
N ASP C 8 29.64 -9.58 -31.02
CA ASP C 8 30.32 -10.87 -31.03
C ASP C 8 29.60 -11.82 -32.00
N GLU C 9 30.10 -13.05 -32.08
CA GLU C 9 29.49 -14.03 -32.97
C GLU C 9 28.08 -14.39 -32.50
N GLN C 10 27.89 -14.58 -31.20
CA GLN C 10 26.58 -14.98 -30.70
C GLN C 10 25.56 -13.85 -30.86
N GLN C 11 25.98 -12.60 -30.66
CA GLN C 11 25.05 -11.49 -30.85
C GLN C 11 24.66 -11.33 -32.32
N ARG C 12 25.62 -11.59 -33.23
CA ARG C 12 25.29 -11.54 -34.65
C ARG C 12 24.34 -12.66 -35.06
N LYS C 13 24.52 -13.85 -34.46
CA LYS C 13 23.61 -14.96 -34.75
C LYS C 13 22.23 -14.69 -34.16
N ARG C 14 22.17 -14.11 -32.96
CA ARG C 14 20.87 -13.81 -32.36
C ARG C 14 20.13 -12.74 -33.13
N LEU C 15 20.84 -11.74 -33.66
CA LEU C 15 20.18 -10.68 -34.41
C LEU C 15 19.63 -11.19 -35.73
N GLU C 16 20.43 -11.97 -36.47
CA GLU C 16 19.96 -12.51 -37.73
C GLU C 16 18.79 -13.47 -37.52
N ALA C 17 18.82 -14.24 -36.42
CA ALA C 17 17.70 -15.12 -36.11
C ALA C 17 16.44 -14.32 -35.82
N PHE C 18 16.58 -13.16 -35.18
CA PHE C 18 15.43 -12.29 -34.95
C PHE C 18 14.91 -11.72 -36.27
N LEU C 19 15.81 -11.24 -37.13
CA LEU C 19 15.38 -10.66 -38.41
C LEU C 19 14.81 -11.72 -39.33
N THR C 20 15.21 -12.99 -39.17
CA THR C 20 14.63 -14.06 -39.97
C THR C 20 13.20 -14.34 -39.55
N GLN C 21 12.97 -14.54 -38.25
CA GLN C 21 11.62 -14.73 -37.75
C GLN C 21 10.75 -13.51 -38.03
N LYS C 22 11.35 -12.33 -38.03
CA LYS C 22 10.61 -11.11 -38.37
C LYS C 22 10.21 -11.08 -39.84
N GLN C 23 11.01 -11.69 -40.72
CA GLN C 23 10.72 -11.67 -42.14
C GLN C 23 9.42 -12.39 -42.47
N LYS C 24 8.94 -13.26 -41.60
CA LYS C 24 7.68 -13.97 -41.82
C LYS C 24 6.46 -13.12 -41.49
N VAL C 25 6.65 -11.94 -40.91
CA VAL C 25 5.52 -11.09 -40.52
C VAL C 25 5.25 -10.10 -41.63
N GLY C 26 3.96 -9.85 -41.88
CA GLY C 26 3.56 -8.90 -42.91
C GLY C 26 2.82 -7.70 -42.35
N GLU C 27 1.67 -7.39 -42.92
CA GLU C 27 0.85 -6.27 -42.44
C GLU C 27 0.12 -6.69 -41.17
N LEU C 28 0.21 -5.85 -40.13
CA LEU C 28 -0.37 -6.16 -38.83
C LEU C 28 -1.79 -5.63 -38.74
N LYS C 29 -2.66 -6.41 -38.13
CA LYS C 29 -4.06 -6.04 -37.94
C LYS C 29 -4.54 -6.63 -36.62
N ASP C 30 -5.53 -5.95 -36.02
CA ASP C 30 -6.04 -6.40 -34.73
C ASP C 30 -6.63 -7.81 -34.81
N ASP C 31 -7.24 -8.15 -35.94
CA ASP C 31 -7.82 -9.48 -36.11
C ASP C 31 -6.77 -10.58 -36.08
N ASP C 32 -5.51 -10.25 -36.35
CA ASP C 32 -4.44 -11.23 -36.41
C ASP C 32 -3.73 -11.42 -35.07
N PHE C 33 -4.27 -10.87 -33.98
CA PHE C 33 -3.63 -10.94 -32.67
C PHE C 33 -4.55 -11.61 -31.66
N GLU C 34 -3.93 -12.27 -30.69
CA GLU C 34 -4.62 -12.90 -29.56
C GLU C 34 -3.80 -12.68 -28.31
N LYS C 35 -4.45 -12.25 -27.23
CA LYS C 35 -3.75 -11.91 -26.00
C LYS C 35 -3.31 -13.18 -25.26
N ILE C 36 -2.17 -13.09 -24.59
CA ILE C 36 -1.63 -14.16 -23.78
C ILE C 36 -1.68 -13.82 -22.29
N SER C 37 -1.10 -12.68 -21.92
CA SER C 37 -1.08 -12.23 -20.54
C SER C 37 -0.87 -10.72 -20.54
N GLU C 38 -0.83 -10.14 -19.34
CA GLU C 38 -0.60 -8.72 -19.17
C GLU C 38 0.80 -8.50 -18.62
N LEU C 39 1.65 -7.82 -19.40
CA LEU C 39 3.05 -7.62 -19.03
C LEU C 39 3.25 -6.51 -18.01
N GLY C 40 2.21 -5.76 -17.67
CA GLY C 40 2.30 -4.66 -16.75
C GLY C 40 1.53 -3.48 -17.27
N ALA C 41 1.67 -2.34 -16.60
CA ALA C 41 0.95 -1.14 -16.97
C ALA C 41 1.75 0.09 -16.57
N GLY C 42 1.53 1.19 -17.29
CA GLY C 42 2.18 2.44 -17.00
C GLY C 42 1.22 3.61 -16.99
N ASN C 43 1.74 4.82 -17.11
CA ASN C 43 0.91 6.02 -17.11
C ASN C 43 -0.02 6.06 -18.32
N GLY C 45 -1.38 3.78 -20.42
CA GLY C 45 -0.80 2.81 -21.33
C GLY C 45 -0.69 1.42 -20.74
N VAL C 46 -1.11 0.41 -21.50
CA VAL C 46 -1.08 -0.98 -21.08
C VAL C 46 -0.30 -1.78 -22.11
N VAL C 47 0.43 -2.79 -21.65
CA VAL C 47 1.24 -3.64 -22.52
C VAL C 47 0.82 -5.08 -22.31
N PHE C 48 0.46 -5.76 -23.39
CA PHE C 48 0.02 -7.15 -23.36
C PHE C 48 1.04 -8.03 -24.09
N LYS C 49 1.27 -9.22 -23.53
CA LYS C 49 1.95 -10.27 -24.28
C LYS C 49 0.93 -10.91 -25.20
N VAL C 50 1.20 -10.87 -26.51
CA VAL C 50 0.22 -11.29 -27.51
C VAL C 50 0.82 -12.37 -28.39
N SER C 51 -0.04 -12.98 -29.19
CA SER C 51 0.34 -14.00 -30.16
C SER C 51 -0.14 -13.56 -31.53
N HIS C 52 0.81 -13.32 -32.45
CA HIS C 52 0.47 -13.00 -33.83
C HIS C 52 0.14 -14.30 -34.55
N LYS C 53 -1.14 -14.53 -34.82
CA LYS C 53 -1.56 -15.81 -35.38
C LYS C 53 -0.99 -16.13 -36.76
N PRO C 54 -0.90 -15.20 -37.72
CA PRO C 54 -0.37 -15.61 -39.04
C PRO C 54 1.07 -16.10 -39.01
N SER C 55 1.90 -15.52 -38.14
CA SER C 55 3.29 -15.93 -38.04
C SER C 55 3.57 -16.86 -36.87
N GLY C 56 2.72 -16.85 -35.84
CA GLY C 56 2.95 -17.64 -34.64
C GLY C 56 3.94 -17.04 -33.67
N LEU C 57 4.47 -15.85 -33.94
CA LEU C 57 5.47 -15.25 -33.07
C LEU C 57 4.86 -14.69 -31.80
N VAL C 58 5.62 -14.78 -30.72
CA VAL C 58 5.25 -14.13 -29.46
C VAL C 58 5.72 -12.69 -29.51
N MET C 59 4.83 -11.76 -29.17
CA MET C 59 5.11 -10.34 -29.32
C MET C 59 4.56 -9.57 -28.13
N ALA C 60 5.08 -8.35 -27.96
CA ALA C 60 4.60 -7.42 -26.95
C ALA C 60 3.87 -6.28 -27.64
N ARG C 61 2.62 -6.04 -27.22
CA ARG C 61 1.75 -5.05 -27.85
C ARG C 61 1.43 -3.96 -26.85
N LYS C 62 1.89 -2.74 -27.13
CA LYS C 62 1.61 -1.57 -26.30
C LYS C 62 0.52 -0.74 -26.95
N LEU C 63 -0.50 -0.39 -26.17
CA LEU C 63 -1.60 0.46 -26.62
C LEU C 63 -1.43 1.85 -26.01
N ILE C 64 -1.37 2.87 -26.86
CA ILE C 64 -1.26 4.26 -26.42
C ILE C 64 -2.55 4.96 -26.79
N HIS C 65 -3.33 5.34 -25.78
CA HIS C 65 -4.59 6.02 -26.02
C HIS C 65 -4.33 7.52 -26.24
N LEU C 66 -4.65 8.01 -27.42
CA LEU C 66 -4.44 9.40 -27.79
C LEU C 66 -5.69 9.93 -28.48
N GLU C 67 -6.03 11.18 -28.21
CA GLU C 67 -7.08 11.88 -28.94
C GLU C 67 -6.37 12.89 -29.84
N ILE C 68 -6.12 12.48 -31.08
CA ILE C 68 -5.34 13.26 -32.03
C ILE C 68 -6.00 13.18 -33.40
N LYS C 69 -5.70 14.16 -34.24
CA LYS C 69 -6.24 14.16 -35.60
C LYS C 69 -5.77 12.91 -36.34
N PRO C 70 -6.61 12.33 -37.20
CA PRO C 70 -6.17 11.16 -37.98
C PRO C 70 -4.87 11.38 -38.74
N ALA C 71 -4.65 12.60 -39.25
CA ALA C 71 -3.41 12.89 -39.95
C ALA C 71 -2.21 12.75 -39.03
N ILE C 72 -2.33 13.22 -37.79
CA ILE C 72 -1.25 13.06 -36.82
C ILE C 72 -1.05 11.60 -36.48
N ARG C 73 -2.16 10.85 -36.35
CA ARG C 73 -2.07 9.42 -36.06
C ARG C 73 -1.33 8.68 -37.17
N ASN C 74 -1.62 9.00 -38.43
CA ASN C 74 -0.96 8.30 -39.53
C ASN C 74 0.51 8.69 -39.61
N GLN C 75 0.84 9.96 -39.35
CA GLN C 75 2.23 10.37 -39.36
C GLN C 75 3.03 9.68 -38.26
N ILE C 76 2.40 9.44 -37.10
CA ILE C 76 3.06 8.69 -36.04
C ILE C 76 3.41 7.28 -36.52
N ILE C 77 2.45 6.61 -37.16
CA ILE C 77 2.70 5.26 -37.68
C ILE C 77 3.86 5.31 -38.67
N ARG C 78 3.89 6.33 -39.52
CA ARG C 78 4.96 6.46 -40.50
C ARG C 78 6.31 6.67 -39.83
N GLU C 79 6.35 7.52 -38.80
CA GLU C 79 7.62 7.78 -38.12
C GLU C 79 8.09 6.58 -37.30
N LEU C 80 7.16 5.79 -36.75
CA LEU C 80 7.56 4.59 -36.02
C LEU C 80 8.24 3.57 -36.92
N GLN C 81 8.08 3.68 -38.24
CA GLN C 81 8.72 2.74 -39.15
C GLN C 81 10.25 2.81 -39.09
N VAL C 82 10.80 3.93 -38.59
CA VAL C 82 12.24 4.05 -38.43
C VAL C 82 12.79 2.93 -37.55
N LEU C 83 11.96 2.39 -36.66
CA LEU C 83 12.39 1.33 -35.77
C LEU C 83 12.79 0.06 -36.51
N HIS C 84 12.35 -0.11 -37.76
CA HIS C 84 12.78 -1.25 -38.56
C HIS C 84 14.27 -1.21 -38.86
N GLU C 85 14.90 -0.05 -38.76
CA GLU C 85 16.33 0.10 -38.93
C GLU C 85 17.08 0.22 -37.61
N CYS C 86 16.39 0.07 -36.49
CA CYS C 86 17.01 0.14 -35.16
C CYS C 86 17.23 -1.29 -34.68
N ASN C 87 18.27 -1.92 -35.23
CA ASN C 87 18.61 -3.30 -34.92
C ASN C 87 19.89 -3.33 -34.12
N SER C 88 19.82 -3.86 -32.90
CA SER C 88 20.96 -3.91 -31.99
C SER C 88 20.69 -4.86 -30.84
N PRO C 89 21.72 -5.50 -30.28
CA PRO C 89 21.51 -6.33 -29.07
C PRO C 89 21.14 -5.52 -27.84
N TYR C 90 21.09 -4.20 -27.93
CA TYR C 90 20.72 -3.33 -26.82
C TYR C 90 19.50 -2.48 -27.13
N ILE C 91 18.83 -2.73 -28.25
CA ILE C 91 17.61 -2.03 -28.64
C ILE C 91 16.52 -3.06 -28.90
N VAL C 92 15.35 -2.84 -28.29
CA VAL C 92 14.24 -3.77 -28.45
C VAL C 92 13.77 -3.78 -29.90
N GLY C 93 13.66 -4.98 -30.48
CA GLY C 93 13.20 -5.09 -31.85
C GLY C 93 11.77 -4.66 -32.03
N PHE C 94 11.45 -4.27 -33.26
CA PHE C 94 10.16 -3.70 -33.61
C PHE C 94 9.52 -4.51 -34.74
N TYR C 95 8.21 -4.70 -34.66
CA TYR C 95 7.47 -5.50 -35.64
C TYR C 95 6.48 -4.69 -36.46
N GLY C 96 5.75 -3.77 -35.85
CA GLY C 96 4.78 -2.99 -36.59
C GLY C 96 3.97 -2.12 -35.65
N ALA C 97 3.21 -1.21 -36.26
CA ALA C 97 2.35 -0.30 -35.52
C ALA C 97 1.09 -0.03 -36.35
N PHE C 98 -0.05 0.07 -35.67
CA PHE C 98 -1.32 0.30 -36.34
C PHE C 98 -2.28 0.96 -35.34
N TYR C 99 -3.47 1.31 -35.83
CA TYR C 99 -4.47 2.04 -35.07
C TYR C 99 -5.80 1.29 -35.14
N SER C 100 -6.51 1.27 -34.02
CA SER C 100 -7.83 0.66 -33.95
C SER C 100 -8.44 1.00 -32.60
N ASP C 101 -9.71 1.40 -32.64
CA ASP C 101 -10.51 1.68 -31.45
C ASP C 101 -9.90 2.80 -30.60
N GLY C 102 -9.52 3.89 -31.28
CA GLY C 102 -9.00 5.06 -30.59
C GLY C 102 -7.65 4.87 -29.93
N GLU C 103 -7.00 3.73 -30.14
CA GLU C 103 -5.71 3.44 -29.52
C GLU C 103 -4.71 3.09 -30.61
N ILE C 104 -3.48 3.57 -30.45
CA ILE C 104 -2.39 3.26 -31.37
C ILE C 104 -1.63 2.06 -30.79
N SER C 105 -1.53 1.00 -31.57
CA SER C 105 -0.80 -0.20 -31.14
C SER C 105 0.64 -0.13 -31.63
N ILE C 106 1.57 -0.49 -30.74
CA ILE C 106 2.97 -0.62 -31.09
C ILE C 106 3.39 -2.03 -30.70
N CYS C 107 3.74 -2.84 -31.71
CA CYS C 107 4.14 -4.22 -31.49
C CYS C 107 5.65 -4.33 -31.56
N MET C 108 6.24 -5.04 -30.60
CA MET C 108 7.69 -5.11 -30.46
C MET C 108 8.08 -6.48 -29.94
N GLU C 109 9.38 -6.63 -29.68
CA GLU C 109 9.94 -7.89 -29.20
C GLU C 109 9.61 -8.09 -27.73
N HIS C 110 9.23 -9.32 -27.38
CA HIS C 110 8.89 -9.65 -26.00
C HIS C 110 10.14 -9.97 -25.19
N MET C 111 10.19 -9.44 -23.96
CA MET C 111 11.29 -9.67 -23.04
C MET C 111 10.73 -10.36 -21.80
N ASP C 112 11.04 -11.64 -21.63
CA ASP C 112 10.46 -12.42 -20.54
C ASP C 112 10.91 -11.91 -19.17
N GLY C 113 12.13 -11.38 -19.07
CA GLY C 113 12.61 -10.88 -17.79
C GLY C 113 11.86 -9.66 -17.31
N GLY C 114 11.37 -8.85 -18.24
CA GLY C 114 10.65 -7.64 -17.87
C GLY C 114 11.54 -6.42 -17.81
N SER C 115 11.04 -5.40 -17.11
CA SER C 115 11.77 -4.16 -16.96
C SER C 115 12.65 -4.20 -15.71
N LEU C 116 13.74 -3.42 -15.74
CA LEU C 116 14.64 -3.37 -14.60
C LEU C 116 14.02 -2.70 -13.38
N ASP C 117 12.87 -2.04 -13.53
CA ASP C 117 12.18 -1.52 -12.36
C ASP C 117 11.43 -2.63 -11.63
N GLN C 118 10.96 -3.64 -12.36
CA GLN C 118 10.30 -4.77 -11.72
C GLN C 118 11.30 -5.74 -11.10
N VAL C 119 12.53 -5.79 -11.64
CA VAL C 119 13.56 -6.61 -11.02
C VAL C 119 14.02 -6.00 -9.71
N LEU C 120 14.01 -4.66 -9.61
CA LEU C 120 14.38 -4.00 -8.36
C LEU C 120 13.46 -4.43 -7.22
N LYS C 121 12.16 -4.55 -7.50
CA LYS C 121 11.22 -5.02 -6.48
C LYS C 121 11.46 -6.47 -6.11
N LYS C 122 12.10 -7.26 -6.98
CA LYS C 122 12.41 -8.65 -6.72
C LYS C 122 13.86 -8.85 -6.31
N ALA C 123 14.49 -7.84 -5.71
CA ALA C 123 15.88 -7.93 -5.30
C ALA C 123 16.21 -6.90 -4.22
N GLY C 124 15.39 -5.87 -4.10
CA GLY C 124 15.71 -4.77 -3.21
C GLY C 124 16.78 -3.88 -3.80
N ARG C 125 18.01 -4.38 -3.83
CA ARG C 125 19.13 -3.71 -4.49
C ARG C 125 19.71 -4.62 -5.57
N ILE C 126 20.36 -4.01 -6.54
CA ILE C 126 20.98 -4.71 -7.66
C ILE C 126 22.49 -4.71 -7.45
N PRO C 127 23.16 -5.84 -7.57
CA PRO C 127 24.61 -5.88 -7.33
C PRO C 127 25.38 -4.97 -8.28
N GLU C 128 26.57 -4.57 -7.85
CA GLU C 128 27.37 -3.62 -8.61
C GLU C 128 27.82 -4.19 -9.94
N GLN C 129 28.23 -5.47 -9.97
CA GLN C 129 28.69 -6.06 -11.22
C GLN C 129 27.53 -6.26 -12.20
N ILE C 130 26.31 -6.43 -11.68
CA ILE C 130 25.14 -6.51 -12.56
C ILE C 130 24.87 -5.16 -13.19
N LEU C 131 24.89 -4.09 -12.38
CA LEU C 131 24.72 -2.75 -12.91
C LEU C 131 25.85 -2.37 -13.85
N GLY C 132 27.02 -2.99 -13.71
CA GLY C 132 28.08 -2.76 -14.67
C GLY C 132 27.72 -3.24 -16.06
N LYS C 133 27.07 -4.41 -16.14
CA LYS C 133 26.57 -4.88 -17.44
C LYS C 133 25.44 -3.99 -17.94
N VAL C 134 24.58 -3.53 -17.03
CA VAL C 134 23.50 -2.62 -17.42
C VAL C 134 24.08 -1.31 -17.96
N SER C 135 25.05 -0.74 -17.24
CA SER C 135 25.70 0.47 -17.70
C SER C 135 26.28 0.30 -19.10
N ILE C 136 26.93 -0.84 -19.35
CA ILE C 136 27.47 -1.11 -20.67
C ILE C 136 26.35 -1.17 -21.70
N ALA C 137 25.26 -1.86 -21.37
CA ALA C 137 24.15 -1.99 -22.31
C ALA C 137 23.52 -0.64 -22.63
N VAL C 138 23.35 0.20 -21.61
CA VAL C 138 22.71 1.51 -21.83
C VAL C 138 23.63 2.41 -22.64
N ILE C 139 24.92 2.47 -22.26
CA ILE C 139 25.86 3.34 -22.96
C ILE C 139 25.96 2.93 -24.43
N LYS C 140 26.14 1.63 -24.69
CA LYS C 140 26.19 1.16 -26.07
C LYS C 140 24.89 1.48 -26.81
N GLY C 141 23.74 1.27 -26.16
CA GLY C 141 22.48 1.54 -26.82
C GLY C 141 22.29 3.01 -27.13
N LEU C 142 22.66 3.89 -26.20
CA LEU C 142 22.59 5.32 -26.45
C LEU C 142 23.54 5.73 -27.57
N THR C 143 24.73 5.11 -27.62
CA THR C 143 25.69 5.43 -28.66
C THR C 143 25.17 4.98 -30.03
N TYR C 144 24.49 3.83 -30.07
CA TYR C 144 23.94 3.33 -31.34
C TYR C 144 22.89 4.28 -31.89
N LEU C 145 21.98 4.75 -31.04
CA LEU C 145 20.93 5.66 -31.50
C LEU C 145 21.51 6.96 -32.02
N ARG C 146 22.52 7.50 -31.33
CA ARG C 146 23.13 8.75 -31.77
C ARG C 146 23.90 8.56 -33.07
N GLU C 147 24.63 7.45 -33.20
CA GLU C 147 25.51 7.25 -34.36
C GLU C 147 24.73 6.82 -35.60
N LYS C 148 23.74 5.94 -35.44
CA LYS C 148 23.04 5.39 -36.59
C LYS C 148 21.75 6.12 -36.92
N HIS C 149 21.14 6.82 -35.95
CA HIS C 149 19.85 7.44 -36.19
C HIS C 149 19.77 8.89 -35.73
N LYS C 150 20.82 9.42 -35.10
CA LYS C 150 20.88 10.84 -34.73
C LYS C 150 19.71 11.23 -33.82
N ILE C 151 19.36 10.36 -32.88
CA ILE C 151 18.33 10.63 -31.90
C ILE C 151 18.87 10.28 -30.52
N MET C 152 18.25 10.86 -29.50
CA MET C 152 18.49 10.46 -28.13
C MET C 152 17.32 9.61 -27.64
N HIS C 153 17.49 9.02 -26.46
CA HIS C 153 16.45 8.17 -25.90
C HIS C 153 15.36 9.00 -25.24
N ARG C 154 15.78 10.07 -24.56
CA ARG C 154 15.00 11.07 -23.82
C ARG C 154 14.02 10.51 -22.78
N ASP C 155 14.05 9.20 -22.51
CA ASP C 155 13.21 8.63 -21.45
C ASP C 155 13.91 7.44 -20.80
N VAL C 156 15.22 7.57 -20.56
CA VAL C 156 15.95 6.51 -19.85
C VAL C 156 15.45 6.42 -18.42
N LYS C 157 15.15 5.20 -17.97
CA LYS C 157 14.73 4.91 -16.61
C LYS C 157 14.61 3.39 -16.45
N PRO C 158 14.65 2.88 -15.22
CA PRO C 158 14.62 1.42 -15.03
C PRO C 158 13.44 0.72 -15.68
N SER C 159 12.30 1.40 -15.84
CA SER C 159 11.16 0.79 -16.52
C SER C 159 11.34 0.73 -18.03
N ASN C 160 12.32 1.44 -18.59
CA ASN C 160 12.58 1.42 -20.02
C ASN C 160 13.88 0.69 -20.37
N ILE C 161 14.41 -0.10 -19.44
CA ILE C 161 15.54 -0.98 -19.69
C ILE C 161 15.04 -2.39 -19.44
N LEU C 162 14.92 -3.18 -20.51
CA LEU C 162 14.29 -4.49 -20.46
C LEU C 162 15.32 -5.59 -20.58
N VAL C 163 15.05 -6.72 -19.91
CA VAL C 163 15.97 -7.85 -19.83
C VAL C 163 15.20 -9.14 -20.11
N ASN C 164 15.96 -10.21 -20.32
CA ASN C 164 15.35 -11.50 -20.61
C ASN C 164 16.24 -12.62 -20.09
N SER C 165 15.71 -13.85 -20.14
CA SER C 165 16.43 -15.01 -19.63
C SER C 165 17.67 -15.32 -20.45
N ARG C 166 17.70 -14.89 -21.72
CA ARG C 166 18.89 -15.11 -22.55
C ARG C 166 20.04 -14.18 -22.19
N GLY C 167 19.93 -13.40 -21.11
CA GLY C 167 20.99 -12.52 -20.68
C GLY C 167 21.02 -11.16 -21.34
N GLU C 168 20.13 -10.89 -22.30
CA GLU C 168 20.15 -9.65 -23.04
C GLU C 168 19.56 -8.51 -22.20
N ILE C 169 20.04 -7.29 -22.47
CA ILE C 169 19.60 -6.08 -21.80
C ILE C 169 19.40 -5.03 -22.89
N LYS C 170 18.16 -4.61 -23.12
CA LYS C 170 17.84 -3.75 -24.25
C LYS C 170 17.06 -2.52 -23.79
N LEU C 171 17.24 -1.43 -24.54
CA LEU C 171 16.52 -0.18 -24.30
C LEU C 171 15.21 -0.18 -25.07
N CYS C 172 14.25 0.59 -24.58
CA CYS C 172 12.94 0.66 -25.21
C CYS C 172 12.27 1.99 -24.91
N ASP C 173 11.22 2.29 -25.68
CA ASP C 173 10.37 3.47 -25.49
C ASP C 173 11.15 4.77 -25.68
N PHE C 174 12.03 4.81 -26.69
CA PHE C 174 12.75 6.04 -26.95
C PHE C 174 12.03 6.89 -27.99
N GLY C 175 12.43 8.16 -28.06
CA GLY C 175 11.76 9.15 -28.88
C GLY C 175 12.04 9.04 -30.37
N VAL C 176 11.49 8.01 -31.01
CA VAL C 176 11.71 7.82 -32.45
C VAL C 176 10.75 8.64 -33.30
N SER C 177 9.65 9.13 -32.73
CA SER C 177 8.61 9.82 -33.50
C SER C 177 8.40 11.21 -32.92
N GLY C 178 8.75 12.23 -33.70
CA GLY C 178 8.55 13.60 -33.23
C GLY C 178 7.09 13.90 -32.93
N GLN C 179 6.18 13.35 -33.72
CA GLN C 179 4.75 13.58 -33.48
C GLN C 179 4.28 12.85 -32.24
N LEU C 180 4.81 11.66 -31.97
CA LEU C 180 4.38 10.92 -30.79
C LEU C 180 4.89 11.60 -29.52
N ILE C 181 6.09 12.18 -29.57
CA ILE C 181 6.61 12.93 -28.43
C ILE C 181 5.69 14.09 -28.10
N ASP C 182 5.38 14.91 -29.10
CA ASP C 182 4.46 16.04 -28.91
C ASP C 182 3.12 15.58 -28.37
N ALA C 183 2.56 14.51 -28.95
CA ALA C 183 1.23 14.06 -28.59
C ALA C 183 1.16 13.56 -27.15
N MET C 184 2.23 12.95 -26.65
CA MET C 184 2.22 12.39 -25.31
C MET C 184 2.69 13.38 -24.24
N ALA C 185 2.94 14.62 -24.62
CA ALA C 185 3.46 15.61 -23.67
C ALA C 185 2.40 16.16 -22.74
N ASN C 186 1.13 16.16 -23.16
CA ASN C 186 0.10 16.82 -22.36
C ASN C 186 -0.58 15.89 -21.38
N ALA C 187 -0.35 14.58 -21.45
CA ALA C 187 -0.94 13.63 -20.53
C ALA C 187 0.17 12.73 -19.98
N PHE C 188 -0.23 11.55 -19.48
CA PHE C 188 0.71 10.55 -18.96
C PHE C 188 1.50 11.11 -17.77
N VAL C 189 0.77 11.69 -16.82
CA VAL C 189 1.40 12.26 -15.64
C VAL C 189 1.97 11.14 -14.77
N GLY C 190 3.25 11.26 -14.44
CA GLY C 190 3.90 10.30 -13.57
C GLY C 190 4.01 10.80 -12.14
N THR C 191 4.40 9.88 -11.25
CA THR C 191 4.59 10.21 -9.85
C THR C 191 6.04 10.47 -9.49
N ARG C 192 6.99 9.93 -10.25
CA ARG C 192 8.41 10.22 -10.11
C ARG C 192 8.95 10.69 -11.45
N SER C 193 10.24 11.03 -11.46
CA SER C 193 10.84 11.61 -12.65
C SER C 193 12.32 11.33 -12.69
N TYR C 194 12.84 11.15 -13.91
CA TYR C 194 14.26 10.97 -14.17
C TYR C 194 14.77 12.01 -15.15
N MET C 195 13.99 13.07 -15.37
CA MET C 195 14.36 14.12 -16.31
C MET C 195 15.58 14.91 -15.82
N SER C 196 16.45 15.26 -16.76
CA SER C 196 17.64 16.02 -16.42
C SER C 196 17.26 17.43 -15.94
N PRO C 197 18.10 18.05 -15.11
CA PRO C 197 17.76 19.41 -14.62
C PRO C 197 17.64 20.41 -15.74
N GLU C 198 18.49 20.33 -16.76
CA GLU C 198 18.46 21.34 -17.82
C GLU C 198 17.21 21.23 -18.68
N ARG C 199 16.70 20.01 -18.91
CA ARG C 199 15.46 19.85 -19.66
C ARG C 199 14.26 20.38 -18.86
N LEU C 200 14.24 20.12 -17.55
CA LEU C 200 13.16 20.64 -16.71
C LEU C 200 13.05 22.15 -16.80
N GLN C 201 14.20 22.84 -16.89
CA GLN C 201 14.22 24.29 -16.89
C GLN C 201 14.09 24.90 -18.28
N GLY C 202 14.01 24.07 -19.33
CA GLY C 202 13.86 24.59 -20.68
C GLY C 202 15.12 25.16 -21.30
N THR C 203 16.30 24.73 -20.85
CA THR C 203 17.55 25.15 -21.48
C THR C 203 18.00 24.09 -22.49
N HIS C 204 19.07 24.42 -23.22
CA HIS C 204 19.54 23.54 -24.28
C HIS C 204 19.95 22.19 -23.71
N TYR C 205 19.60 21.12 -24.43
CA TYR C 205 19.88 19.77 -23.97
C TYR C 205 20.35 18.90 -25.13
N SER C 206 20.90 17.75 -24.79
CA SER C 206 21.39 16.79 -25.77
C SER C 206 21.31 15.40 -25.13
N VAL C 207 22.02 14.43 -25.73
CA VAL C 207 22.08 13.09 -25.17
C VAL C 207 22.68 13.07 -23.77
N GLN C 208 23.33 14.17 -23.34
CA GLN C 208 23.80 14.26 -21.96
C GLN C 208 22.67 14.06 -20.97
N SER C 209 21.45 14.46 -21.33
CA SER C 209 20.32 14.28 -20.43
C SER C 209 20.02 12.80 -20.20
N ASP C 210 20.22 11.97 -21.24
CA ASP C 210 20.06 10.53 -21.06
C ASP C 210 21.12 9.97 -20.12
N ILE C 211 22.33 10.53 -20.14
CA ILE C 211 23.36 10.09 -19.23
C ILE C 211 22.98 10.42 -17.79
N TRP C 212 22.48 11.64 -17.56
CA TRP C 212 22.00 11.99 -16.22
C TRP C 212 20.89 11.04 -15.77
N SER C 213 19.96 10.73 -16.66
CA SER C 213 18.88 9.81 -16.32
C SER C 213 19.41 8.42 -16.00
N MET C 214 20.42 7.96 -16.75
CA MET C 214 21.03 6.67 -16.46
C MET C 214 21.67 6.67 -15.08
N GLY C 215 22.40 7.74 -14.75
CA GLY C 215 23.02 7.82 -13.44
C GLY C 215 22.02 7.73 -12.30
N LEU C 216 20.89 8.44 -12.43
CA LEU C 216 19.88 8.37 -11.38
C LEU C 216 19.27 6.97 -11.31
N SER C 217 19.09 6.33 -12.47
CA SER C 217 18.56 4.96 -12.47
C SER C 217 19.53 4.00 -11.81
N LEU C 218 20.83 4.18 -12.06
CA LEU C 218 21.83 3.32 -11.43
C LEU C 218 21.87 3.52 -9.92
N VAL C 219 21.76 4.77 -9.45
CA VAL C 219 21.73 5.02 -8.01
C VAL C 219 20.52 4.35 -7.37
N GLU C 220 19.37 4.42 -8.05
CA GLU C 220 18.17 3.77 -7.52
C GLU C 220 18.37 2.26 -7.43
N MET C 221 18.82 1.64 -8.51
CA MET C 221 19.00 0.19 -8.54
C MET C 221 20.14 -0.26 -7.62
N ALA C 222 21.02 0.64 -7.22
CA ALA C 222 22.08 0.30 -6.27
C ALA C 222 21.64 0.43 -4.82
N VAL C 223 20.95 1.52 -4.48
CA VAL C 223 20.50 1.71 -3.10
C VAL C 223 19.12 1.10 -2.86
N GLY C 224 18.37 0.81 -3.90
CA GLY C 224 17.04 0.25 -3.74
C GLY C 224 15.96 1.25 -3.42
N ARG C 225 16.20 2.53 -3.70
CA ARG C 225 15.21 3.58 -3.43
C ARG C 225 15.40 4.69 -4.44
N TYR C 226 14.29 5.35 -4.76
CA TYR C 226 14.32 6.50 -5.65
C TYR C 226 15.11 7.63 -5.01
N PRO C 227 16.17 8.13 -5.65
CA PRO C 227 17.12 9.02 -4.94
C PRO C 227 16.61 10.43 -4.70
N ILE C 228 15.68 10.91 -5.51
CA ILE C 228 15.22 12.29 -5.39
C ILE C 228 14.42 12.45 -4.10
N GLY C 229 14.94 13.24 -3.18
CA GLY C 229 14.27 13.49 -1.91
C GLY C 229 14.30 12.31 -0.95
N SER C 234 7.04 11.25 1.53
CA SER C 234 6.84 11.22 0.09
C SER C 234 6.36 12.57 -0.44
N MET C 235 6.96 13.00 -1.55
CA MET C 235 6.63 14.26 -2.19
C MET C 235 5.86 14.00 -3.48
N ALA C 236 5.08 15.00 -3.90
CA ALA C 236 4.42 14.93 -5.18
C ALA C 236 5.42 15.26 -6.29
N ILE C 237 4.94 15.25 -7.54
CA ILE C 237 5.85 15.34 -8.68
C ILE C 237 6.56 16.70 -8.70
N PHE C 238 5.83 17.80 -8.48
CA PHE C 238 6.48 19.11 -8.59
C PHE C 238 7.58 19.28 -7.56
N GLU C 239 7.37 18.80 -6.33
CA GLU C 239 8.43 18.85 -5.33
C GLU C 239 9.65 18.09 -5.81
N LEU C 240 9.45 16.90 -6.38
CA LEU C 240 10.57 16.12 -6.91
C LEU C 240 11.29 16.88 -8.01
N LEU C 241 10.55 17.45 -8.96
CA LEU C 241 11.17 18.20 -10.04
C LEU C 241 11.95 19.40 -9.50
N ASP C 242 11.36 20.12 -8.55
CA ASP C 242 12.03 21.23 -7.90
C ASP C 242 13.31 20.77 -7.21
N TYR C 243 13.26 19.60 -6.56
CA TYR C 243 14.44 19.06 -5.89
C TYR C 243 15.56 18.77 -6.89
N ILE C 244 15.19 18.26 -8.07
CA ILE C 244 16.18 17.96 -9.10
C ILE C 244 16.89 19.24 -9.56
N VAL C 245 16.12 20.32 -9.74
CA VAL C 245 16.69 21.57 -10.22
C VAL C 245 17.57 22.23 -9.14
N ASN C 246 17.12 22.21 -7.89
CA ASN C 246 17.70 23.08 -6.87
C ASN C 246 18.80 22.42 -6.04
N GLU C 247 18.65 21.15 -5.72
CA GLU C 247 19.56 20.47 -4.81
C GLU C 247 20.72 19.84 -5.56
N PRO C 248 21.86 19.61 -4.89
CA PRO C 248 22.94 18.84 -5.52
C PRO C 248 22.48 17.42 -5.80
N PRO C 249 23.12 16.75 -6.76
CA PRO C 249 22.68 15.39 -7.13
C PRO C 249 22.92 14.42 -6.00
N PRO C 250 22.26 13.26 -6.02
CA PRO C 250 22.53 12.23 -5.03
C PRO C 250 23.85 11.53 -5.31
N LYS C 251 24.35 10.84 -4.29
CA LYS C 251 25.61 10.12 -4.38
C LYS C 251 25.42 8.71 -3.84
N LEU C 252 26.30 7.81 -4.27
CA LEU C 252 26.25 6.44 -3.80
C LEU C 252 26.94 6.32 -2.44
N PRO C 253 26.47 5.41 -1.58
CA PRO C 253 27.14 5.22 -0.28
C PRO C 253 28.62 4.90 -0.45
N SER C 254 29.41 5.36 0.52
CA SER C 254 30.86 5.30 0.38
C SER C 254 31.44 3.95 0.76
N GLY C 255 30.74 3.19 1.60
CA GLY C 255 31.29 1.95 2.12
C GLY C 255 31.31 0.79 1.14
N VAL C 256 30.13 0.37 0.70
CA VAL C 256 30.03 -0.87 -0.06
C VAL C 256 30.54 -0.67 -1.49
N PHE C 257 30.07 0.38 -2.16
CA PHE C 257 30.39 0.57 -3.57
C PHE C 257 31.85 0.94 -3.77
N SER C 258 32.41 0.46 -4.88
CA SER C 258 33.79 0.74 -5.21
C SER C 258 33.95 2.22 -5.58
N LEU C 259 35.19 2.71 -5.45
CA LEU C 259 35.47 4.11 -5.73
C LEU C 259 35.20 4.44 -7.20
N GLU C 260 35.52 3.51 -8.09
CA GLU C 260 35.28 3.74 -9.52
C GLU C 260 33.79 3.86 -9.82
N PHE C 261 32.96 3.00 -9.22
CA PHE C 261 31.53 3.06 -9.45
C PHE C 261 30.95 4.37 -8.93
N GLN C 262 31.41 4.82 -7.76
CA GLN C 262 30.96 6.10 -7.24
C GLN C 262 31.35 7.23 -8.18
N ASP C 263 32.60 7.22 -8.67
CA ASP C 263 33.04 8.25 -9.61
C ASP C 263 32.29 8.15 -10.94
N PHE C 264 31.94 6.93 -11.37
CA PHE C 264 31.13 6.76 -12.57
C PHE C 264 29.78 7.45 -12.42
N VAL C 265 29.09 7.17 -11.32
CA VAL C 265 27.78 7.78 -11.08
C VAL C 265 27.91 9.29 -10.91
N ASN C 266 28.95 9.75 -10.20
CA ASN C 266 29.11 11.18 -9.96
C ASN C 266 29.32 11.94 -11.27
N LYS C 267 30.08 11.35 -12.20
CA LYS C 267 30.30 12.00 -13.49
C LYS C 267 29.05 11.98 -14.36
N CYS C 268 28.15 11.01 -14.13
CA CYS C 268 26.86 11.01 -14.83
C CYS C 268 25.91 12.07 -14.29
N LEU C 269 26.00 12.37 -12.99
CA LEU C 269 25.00 13.18 -12.31
C LEU C 269 25.39 14.63 -12.15
N ILE C 270 26.50 15.07 -12.76
CA ILE C 270 26.88 16.48 -12.71
C ILE C 270 25.77 17.31 -13.33
N LYS C 271 25.29 18.31 -12.59
CA LYS C 271 24.11 19.04 -13.04
C LYS C 271 24.42 19.93 -14.23
N ASN C 272 25.64 20.45 -14.33
CA ASN C 272 26.03 21.20 -15.52
C ASN C 272 26.34 20.23 -16.64
N PRO C 273 25.52 20.20 -17.70
CA PRO C 273 25.74 19.20 -18.77
C PRO C 273 27.03 19.40 -19.54
N ALA C 274 27.63 20.58 -19.49
CA ALA C 274 28.89 20.80 -20.20
C ALA C 274 30.07 20.14 -19.47
N GLU C 275 29.97 19.98 -18.15
CA GLU C 275 30.99 19.27 -17.40
C GLU C 275 30.64 17.81 -17.14
N ARG C 276 29.37 17.45 -17.28
CA ARG C 276 28.95 16.05 -17.20
C ARG C 276 29.69 15.23 -18.24
N ALA C 277 30.06 14.01 -17.88
CA ALA C 277 30.75 13.12 -18.81
C ALA C 277 29.83 12.71 -19.96
N ASP C 278 30.43 12.41 -21.10
CA ASP C 278 29.68 12.02 -22.30
C ASP C 278 29.84 10.53 -22.58
N LEU C 279 29.26 10.11 -23.70
CA LEU C 279 29.25 8.69 -24.04
C LEU C 279 30.65 8.14 -24.24
N LYS C 280 31.53 8.91 -24.90
CA LYS C 280 32.89 8.45 -25.14
C LYS C 280 33.67 8.33 -23.84
N GLN C 281 33.66 9.39 -23.02
CA GLN C 281 34.39 9.37 -21.77
C GLN C 281 33.90 8.25 -20.86
N LEU C 282 32.59 7.98 -20.86
CA LEU C 282 32.05 6.96 -19.97
C LEU C 282 32.44 5.56 -20.42
N MET C 283 32.52 5.34 -21.73
CA MET C 283 32.90 4.01 -22.23
C MET C 283 34.34 3.69 -21.85
N VAL C 284 35.23 4.67 -21.86
CA VAL C 284 36.61 4.49 -21.45
C VAL C 284 36.80 4.79 -19.96
N HIS C 285 35.72 4.74 -19.19
CA HIS C 285 35.84 4.95 -17.75
C HIS C 285 36.28 3.65 -17.05
N ALA C 286 36.93 3.82 -15.89
CA ALA C 286 37.49 2.66 -15.18
C ALA C 286 36.41 1.66 -14.75
N PHE C 287 35.20 2.14 -14.46
CA PHE C 287 34.13 1.25 -14.02
C PHE C 287 33.65 0.36 -15.16
N ILE C 288 33.64 0.89 -16.38
CA ILE C 288 33.15 0.11 -17.51
C ILE C 288 34.15 -1.00 -17.87
N LYS C 289 35.43 -0.65 -17.97
CA LYS C 289 36.44 -1.62 -18.39
C LYS C 289 36.55 -2.78 -17.40
N ARG C 290 36.49 -2.50 -16.10
CA ARG C 290 36.53 -3.56 -15.10
C ARG C 290 35.34 -4.49 -15.26
N SER C 291 34.14 -3.93 -15.42
CA SER C 291 32.94 -4.75 -15.58
C SER C 291 32.83 -5.34 -16.98
N ASP C 292 33.46 -4.71 -17.98
CA ASP C 292 33.41 -5.25 -19.34
C ASP C 292 34.18 -6.56 -19.44
N ALA C 293 35.44 -6.55 -19.02
CA ALA C 293 36.23 -7.78 -19.03
C ALA C 293 35.79 -8.77 -17.96
N GLU C 294 34.98 -8.34 -17.00
CA GLU C 294 34.50 -9.23 -15.95
C GLU C 294 33.55 -10.28 -16.54
N GLU C 295 33.39 -11.37 -15.78
CA GLU C 295 32.53 -12.49 -16.19
C GLU C 295 31.40 -12.62 -15.17
N VAL C 296 30.20 -12.25 -15.58
CA VAL C 296 29.01 -12.31 -14.73
C VAL C 296 27.93 -13.09 -15.47
N ASP C 297 27.24 -13.96 -14.75
CA ASP C 297 26.10 -14.69 -15.29
C ASP C 297 24.83 -13.93 -14.93
N PHE C 298 24.57 -12.87 -15.71
CA PHE C 298 23.40 -12.03 -15.46
C PHE C 298 22.11 -12.83 -15.56
N ALA C 299 22.07 -13.84 -16.42
CA ALA C 299 20.87 -14.65 -16.56
C ALA C 299 20.52 -15.35 -15.25
N GLY C 300 21.51 -16.02 -14.64
CA GLY C 300 21.25 -16.72 -13.40
C GLY C 300 20.81 -15.79 -12.28
N TRP C 301 21.43 -14.62 -12.20
CA TRP C 301 21.01 -13.63 -11.20
C TRP C 301 19.61 -13.12 -11.50
N LEU C 302 19.29 -12.90 -12.77
CA LEU C 302 17.95 -12.44 -13.13
C LEU C 302 16.91 -13.51 -12.87
N CYS C 303 17.22 -14.78 -13.17
CA CYS C 303 16.27 -15.85 -12.96
C CYS C 303 15.96 -16.05 -11.48
N SER C 304 16.96 -15.92 -10.61
CA SER C 304 16.74 -16.11 -9.18
C SER C 304 16.03 -14.92 -8.56
N THR C 305 16.32 -13.71 -9.02
CA THR C 305 15.70 -12.50 -8.46
C THR C 305 14.30 -12.28 -9.03
N ASP D 6 33.09 -15.51 38.03
CA ASP D 6 32.00 -16.13 37.30
C ASP D 6 31.58 -15.27 36.10
N TRP D 7 30.30 -15.33 35.73
CA TRP D 7 29.82 -14.68 34.51
C TRP D 7 29.05 -13.39 34.77
N GLU D 8 29.02 -12.91 36.02
CA GLU D 8 28.33 -11.65 36.30
C GLU D 8 29.25 -10.48 35.95
N ILE D 9 28.72 -9.54 35.19
CA ILE D 9 29.49 -8.39 34.70
C ILE D 9 29.18 -7.19 35.60
N PRO D 10 30.19 -6.56 36.20
CA PRO D 10 29.92 -5.36 37.01
C PRO D 10 29.33 -4.24 36.16
N ASP D 11 28.42 -3.48 36.76
CA ASP D 11 27.80 -2.38 36.03
C ASP D 11 28.81 -1.27 35.81
N GLY D 12 28.77 -0.67 34.61
CA GLY D 12 29.73 0.32 34.17
C GLY D 12 30.59 -0.15 33.02
N GLN D 13 30.83 -1.47 32.91
CA GLN D 13 31.66 -2.00 31.84
C GLN D 13 30.89 -2.14 30.53
N ILE D 14 29.58 -2.37 30.60
CA ILE D 14 28.75 -2.51 29.41
C ILE D 14 28.28 -1.13 28.95
N THR D 15 28.55 -0.81 27.69
CA THR D 15 28.02 0.39 27.06
C THR D 15 26.84 -0.02 26.17
N VAL D 16 25.65 0.46 26.50
CA VAL D 16 24.45 0.13 25.75
C VAL D 16 24.30 1.10 24.58
N GLY D 17 24.11 0.55 23.39
CA GLY D 17 23.96 1.37 22.19
C GLY D 17 22.59 1.30 21.55
N GLN D 18 22.57 1.17 20.22
CA GLN D 18 21.33 1.26 19.47
C GLN D 18 20.40 0.10 19.78
N ARG D 19 19.10 0.39 19.81
CA ARG D 19 18.10 -0.66 19.96
C ARG D 19 18.03 -1.51 18.69
N ILE D 20 18.03 -2.83 18.88
CA ILE D 20 18.04 -3.74 17.75
C ILE D 20 16.71 -4.46 17.55
N GLY D 21 16.00 -4.78 18.64
CA GLY D 21 14.72 -5.45 18.51
C GLY D 21 14.20 -5.87 19.87
N SER D 22 13.35 -6.88 19.87
CA SER D 22 12.72 -7.37 21.09
C SER D 22 12.90 -8.88 21.18
N GLY D 23 13.13 -9.37 22.41
CA GLY D 23 13.11 -10.78 22.70
C GLY D 23 11.80 -11.19 23.33
N SER D 24 11.71 -12.49 23.65
CA SER D 24 10.53 -12.99 24.33
C SER D 24 10.34 -12.29 25.68
N PHE D 25 11.45 -11.98 26.35
CA PHE D 25 11.43 -11.20 27.59
C PHE D 25 12.56 -10.20 27.50
N GLY D 26 12.22 -8.92 27.33
CA GLY D 26 13.21 -7.85 27.34
C GLY D 26 13.44 -7.28 25.95
N THR D 27 14.31 -6.27 25.92
CA THR D 27 14.67 -5.53 24.71
C THR D 27 16.14 -5.74 24.42
N VAL D 28 16.48 -5.92 23.14
CA VAL D 28 17.84 -6.27 22.73
C VAL D 28 18.50 -5.03 22.15
N TYR D 29 19.72 -4.75 22.63
CA TYR D 29 20.50 -3.60 22.18
C TYR D 29 21.86 -4.06 21.71
N LYS D 30 22.43 -3.32 20.76
CA LYS D 30 23.84 -3.45 20.45
C LYS D 30 24.66 -2.78 21.55
N GLY D 31 25.76 -3.41 21.93
CA GLY D 31 26.54 -2.88 23.04
C GLY D 31 28.01 -3.12 22.86
N LYS D 32 28.78 -2.58 23.81
CA LYS D 32 30.24 -2.71 23.82
C LYS D 32 30.66 -3.31 25.16
N TRP D 33 31.36 -4.45 25.10
CA TRP D 33 31.95 -5.08 26.27
C TRP D 33 32.98 -6.08 25.75
N HIS D 34 34.26 -5.68 25.78
CA HIS D 34 35.33 -6.44 25.13
C HIS D 34 34.97 -6.72 23.68
N GLY D 35 34.50 -5.68 23.00
CA GLY D 35 34.05 -5.76 21.63
C GLY D 35 32.53 -5.66 21.55
N ASP D 36 32.04 -5.80 20.32
CA ASP D 36 30.60 -5.75 20.08
C ASP D 36 29.91 -6.88 20.84
N VAL D 37 28.79 -6.55 21.48
CA VAL D 37 27.94 -7.53 22.14
C VAL D 37 26.49 -7.17 21.89
N ALA D 38 25.62 -8.15 22.08
CA ALA D 38 24.19 -7.92 22.19
C ALA D 38 23.83 -7.95 23.67
N VAL D 39 23.03 -6.96 24.09
CA VAL D 39 22.61 -6.83 25.49
C VAL D 39 21.09 -6.85 25.50
N LYS D 40 20.51 -7.86 26.15
CA LYS D 40 19.06 -8.00 26.26
C LYS D 40 18.66 -7.59 27.66
N MET D 41 17.97 -6.46 27.78
CA MET D 41 17.64 -5.85 29.07
C MET D 41 16.15 -5.89 29.33
N LEU D 42 15.79 -6.10 30.59
CA LEU D 42 14.40 -5.99 31.04
C LEU D 42 14.17 -4.55 31.48
N ASN D 43 13.78 -3.70 30.53
CA ASN D 43 13.55 -2.28 30.79
C ASN D 43 12.13 -2.10 31.32
N VAL D 44 11.92 -2.62 32.54
CA VAL D 44 10.63 -2.56 33.21
C VAL D 44 10.87 -2.12 34.65
N THR D 45 10.11 -1.13 35.10
CA THR D 45 10.29 -0.64 36.47
C THR D 45 9.81 -1.66 37.49
N ALA D 46 8.64 -2.26 37.27
CA ALA D 46 8.07 -3.27 38.16
C ALA D 46 7.94 -4.58 37.39
N PRO D 47 9.01 -5.36 37.28
CA PRO D 47 8.94 -6.61 36.52
C PRO D 47 8.06 -7.65 37.20
N THR D 48 7.41 -8.47 36.38
CA THR D 48 6.56 -9.53 36.89
C THR D 48 7.41 -10.72 37.32
N PRO D 49 6.83 -11.61 38.16
CA PRO D 49 7.57 -12.83 38.50
C PRO D 49 8.01 -13.61 37.29
N GLN D 50 7.15 -13.68 36.26
CA GLN D 50 7.49 -14.44 35.07
C GLN D 50 8.71 -13.85 34.35
N GLN D 51 8.77 -12.52 34.25
CA GLN D 51 9.91 -11.88 33.59
C GLN D 51 11.19 -12.09 34.39
N LEU D 52 11.11 -12.01 35.72
CA LEU D 52 12.27 -12.28 36.56
C LEU D 52 12.74 -13.72 36.41
N GLN D 53 11.81 -14.67 36.47
CA GLN D 53 12.19 -16.08 36.34
C GLN D 53 12.66 -16.41 34.94
N ALA D 54 12.17 -15.69 33.93
CA ALA D 54 12.64 -15.92 32.57
C ALA D 54 14.09 -15.50 32.40
N PHE D 55 14.48 -14.38 33.02
CA PHE D 55 15.88 -13.96 33.00
C PHE D 55 16.76 -14.98 33.70
N LYS D 56 16.35 -15.40 34.90
CA LYS D 56 17.07 -16.44 35.63
C LYS D 56 17.14 -17.72 34.83
N ASN D 57 16.04 -18.09 34.15
CA ASN D 57 16.04 -19.31 33.36
C ASN D 57 17.00 -19.21 32.18
N GLU D 58 16.95 -18.10 31.44
CA GLU D 58 17.77 -17.99 30.23
C GLU D 58 19.25 -18.04 30.56
N VAL D 59 19.66 -17.35 31.63
CA VAL D 59 21.05 -17.42 32.07
C VAL D 59 21.43 -18.85 32.44
N GLY D 60 20.56 -19.53 33.17
CA GLY D 60 20.87 -20.90 33.58
C GLY D 60 21.00 -21.85 32.41
N VAL D 61 20.12 -21.71 31.41
CA VAL D 61 20.20 -22.58 30.24
C VAL D 61 21.41 -22.22 29.38
N LEU D 62 21.64 -20.92 29.16
CA LEU D 62 22.76 -20.49 28.32
C LEU D 62 24.10 -20.94 28.88
N ARG D 63 24.24 -20.94 30.21
CA ARG D 63 25.50 -21.36 30.83
C ARG D 63 25.82 -22.82 30.55
N LYS D 64 24.83 -23.62 30.17
CA LYS D 64 25.06 -25.02 29.83
C LYS D 64 25.40 -25.24 28.36
N THR D 65 25.54 -24.19 27.57
CA THR D 65 25.70 -24.34 26.12
C THR D 65 27.06 -23.82 25.66
N ARG D 66 27.78 -24.66 24.92
CA ARG D 66 29.05 -24.30 24.29
C ARG D 66 29.08 -25.01 22.94
N HIS D 67 28.53 -24.36 21.91
CA HIS D 67 28.40 -24.96 20.59
C HIS D 67 28.30 -23.86 19.55
N VAL D 68 28.93 -24.06 18.39
CA VAL D 68 29.01 -23.00 17.39
C VAL D 68 27.65 -22.59 16.83
N ASN D 69 26.63 -23.44 16.97
CA ASN D 69 25.30 -23.12 16.47
C ASN D 69 24.35 -22.66 17.58
N ILE D 70 24.86 -22.44 18.79
CA ILE D 70 24.09 -21.82 19.86
C ILE D 70 24.69 -20.46 20.13
N LEU D 71 23.83 -19.45 20.21
CA LEU D 71 24.28 -18.09 20.47
C LEU D 71 25.16 -18.06 21.71
N LEU D 72 26.31 -17.40 21.60
CA LEU D 72 27.32 -17.46 22.65
C LEU D 72 26.93 -16.55 23.81
N PHE D 73 26.51 -17.17 24.92
CA PHE D 73 26.37 -16.45 26.17
C PHE D 73 27.73 -15.96 26.64
N MET D 74 27.79 -14.70 27.09
CA MET D 74 29.03 -14.12 27.59
C MET D 74 28.96 -13.62 29.02
N GLY D 75 27.78 -13.35 29.55
CA GLY D 75 27.66 -12.79 30.89
C GLY D 75 26.29 -12.19 31.12
N TYR D 76 26.10 -11.72 32.35
CA TYR D 76 24.85 -11.10 32.75
C TYR D 76 25.13 -10.04 33.80
N SER D 77 24.18 -9.14 33.97
CA SER D 77 24.25 -8.11 35.01
C SER D 77 22.94 -8.10 35.79
N THR D 78 23.06 -7.94 37.11
CA THR D 78 21.89 -7.85 37.97
C THR D 78 21.47 -6.42 38.27
N LYS D 79 22.44 -5.51 38.34
CA LYS D 79 22.21 -4.09 38.56
C LYS D 79 22.93 -3.29 37.50
N PRO D 80 22.40 -2.13 37.09
CA PRO D 80 21.16 -1.48 37.56
C PRO D 80 19.90 -2.17 37.05
N GLN D 81 20.02 -2.98 36.01
CA GLN D 81 18.91 -3.76 35.49
C GLN D 81 19.39 -5.16 35.16
N LEU D 82 18.43 -6.08 35.08
CA LEU D 82 18.76 -7.44 34.67
C LEU D 82 19.06 -7.45 33.17
N ALA D 83 20.21 -8.00 32.79
CA ALA D 83 20.60 -8.01 31.39
C ALA D 83 21.39 -9.26 31.07
N ILE D 84 21.24 -9.74 29.84
CA ILE D 84 21.97 -10.91 29.36
C ILE D 84 22.83 -10.44 28.19
N VAL D 85 24.13 -10.71 28.26
CA VAL D 85 25.09 -10.31 27.26
C VAL D 85 25.46 -11.53 26.43
N THR D 86 25.31 -11.44 25.11
CA THR D 86 25.74 -12.47 24.18
C THR D 86 26.62 -11.85 23.10
N GLN D 87 27.25 -12.71 22.30
CA GLN D 87 27.92 -12.24 21.11
C GLN D 87 26.93 -11.47 20.23
N TRP D 88 27.47 -10.55 19.44
CA TRP D 88 26.67 -9.78 18.50
C TRP D 88 26.73 -10.45 17.13
N CYS D 89 25.56 -10.66 16.52
CA CYS D 89 25.45 -11.30 15.21
C CYS D 89 25.14 -10.22 14.18
N GLU D 90 26.11 -9.92 13.31
CA GLU D 90 25.97 -8.82 12.37
C GLU D 90 24.90 -9.08 11.31
N GLY D 91 24.59 -10.35 11.03
CA GLY D 91 23.62 -10.65 10.00
C GLY D 91 22.16 -10.65 10.43
N SER D 92 21.86 -10.17 11.64
CA SER D 92 20.49 -10.12 12.16
C SER D 92 19.91 -11.54 12.18
N SER D 93 18.60 -11.67 11.96
CA SER D 93 17.91 -12.94 12.12
C SER D 93 17.50 -13.51 10.78
N LEU D 94 17.20 -14.81 10.78
CA LEU D 94 16.67 -15.48 9.59
C LEU D 94 15.31 -14.90 9.19
N TYR D 95 14.48 -14.54 10.18
CA TYR D 95 13.21 -13.89 9.87
C TYR D 95 13.42 -12.60 9.09
N HIS D 96 14.38 -11.79 9.51
CA HIS D 96 14.71 -10.57 8.80
C HIS D 96 15.10 -10.86 7.35
N HIS D 97 15.95 -11.87 7.13
CA HIS D 97 16.41 -12.19 5.79
C HIS D 97 15.29 -12.74 4.92
N LEU D 98 14.47 -13.65 5.47
CA LEU D 98 13.47 -14.32 4.64
C LEU D 98 12.24 -13.44 4.39
N HIS D 99 11.80 -12.69 5.40
CA HIS D 99 10.51 -12.04 5.33
C HIS D 99 10.54 -10.52 5.42
N ILE D 100 11.69 -9.91 5.69
CA ILE D 100 11.81 -8.45 5.76
C ILE D 100 12.55 -7.90 4.54
N ILE D 101 13.78 -8.35 4.30
CA ILE D 101 14.54 -7.91 3.12
C ILE D 101 14.47 -8.92 1.99
N GLU D 102 13.94 -10.12 2.23
CA GLU D 102 13.74 -11.14 1.19
C GLU D 102 15.05 -11.51 0.50
N THR D 103 16.01 -11.94 1.30
CA THR D 103 17.28 -12.41 0.78
C THR D 103 17.07 -13.68 -0.04
N LYS D 104 17.70 -13.74 -1.21
CA LYS D 104 17.55 -14.88 -2.12
C LYS D 104 18.74 -15.82 -1.92
N PHE D 105 18.63 -16.65 -0.88
CA PHE D 105 19.65 -17.67 -0.64
C PHE D 105 19.58 -18.75 -1.70
N GLU D 106 20.75 -19.23 -2.13
CA GLU D 106 20.81 -20.39 -3.00
C GLU D 106 20.40 -21.64 -2.22
N MET D 107 20.00 -22.68 -2.95
CA MET D 107 19.50 -23.88 -2.30
C MET D 107 20.56 -24.53 -1.41
N ILE D 108 21.83 -24.52 -1.87
CA ILE D 108 22.89 -25.08 -1.05
C ILE D 108 23.00 -24.34 0.28
N LYS D 109 22.78 -23.02 0.26
CA LYS D 109 22.84 -22.26 1.51
C LYS D 109 21.56 -22.43 2.33
N LEU D 110 20.40 -22.51 1.66
CA LEU D 110 19.17 -22.83 2.38
C LEU D 110 19.28 -24.15 3.11
N ILE D 111 19.83 -25.17 2.44
CA ILE D 111 20.00 -26.48 3.07
C ILE D 111 21.00 -26.39 4.22
N ASP D 112 22.07 -25.62 4.04
CA ASP D 112 23.08 -25.53 5.10
C ASP D 112 22.54 -24.80 6.33
N ILE D 113 21.67 -23.81 6.14
CA ILE D 113 21.02 -23.14 7.26
C ILE D 113 20.18 -24.13 8.04
N ALA D 114 19.37 -24.92 7.34
CA ALA D 114 18.63 -26.00 7.99
C ALA D 114 19.57 -26.96 8.70
N ARG D 115 20.73 -27.26 8.09
CA ARG D 115 21.65 -28.21 8.69
C ARG D 115 22.24 -27.66 9.99
N GLN D 116 22.65 -26.40 9.99
CA GLN D 116 23.23 -25.81 11.20
C GLN D 116 22.19 -25.66 12.30
N THR D 117 20.98 -25.22 11.93
CA THR D 117 19.87 -25.19 12.88
C THR D 117 19.66 -26.57 13.50
N ALA D 118 19.54 -27.61 12.66
CA ALA D 118 19.40 -28.95 13.18
C ALA D 118 20.60 -29.33 14.05
N GLN D 119 21.80 -28.91 13.65
CA GLN D 119 22.99 -29.21 14.44
C GLN D 119 22.87 -28.63 15.84
N GLY D 120 22.43 -27.37 15.94
CA GLY D 120 22.28 -26.76 17.24
C GLY D 120 21.18 -27.40 18.04
N MET D 121 20.07 -27.76 17.39
CA MET D 121 18.97 -28.41 18.09
C MET D 121 19.38 -29.78 18.61
N ASP D 122 20.14 -30.55 17.80
CA ASP D 122 20.63 -31.84 18.26
C ASP D 122 21.46 -31.69 19.51
N TYR D 123 22.35 -30.69 19.54
CA TYR D 123 23.16 -30.42 20.72
C TYR D 123 22.27 -30.13 21.93
N LEU D 124 21.24 -29.30 21.74
CA LEU D 124 20.36 -28.93 22.84
C LEU D 124 19.64 -30.16 23.40
N HIS D 125 19.07 -30.99 22.51
CA HIS D 125 18.30 -32.13 22.97
C HIS D 125 19.19 -33.17 23.65
N ALA D 126 20.44 -33.28 23.23
CA ALA D 126 21.36 -34.19 23.89
C ALA D 126 21.63 -33.77 25.34
N LYS D 127 21.46 -32.48 25.66
CA LYS D 127 21.56 -31.99 27.02
C LYS D 127 20.20 -31.85 27.68
N SER D 128 19.15 -32.46 27.11
CA SER D 128 17.79 -32.40 27.64
C SER D 128 17.26 -30.97 27.71
N ILE D 129 17.68 -30.14 26.77
CA ILE D 129 17.18 -28.76 26.68
C ILE D 129 16.12 -28.73 25.60
N ILE D 130 14.91 -28.31 25.96
CA ILE D 130 13.82 -28.11 25.01
C ILE D 130 13.64 -26.61 24.85
N HIS D 131 13.70 -26.12 23.61
CA HIS D 131 13.73 -24.68 23.37
C HIS D 131 12.37 -24.05 23.63
N ARG D 132 11.31 -24.66 23.10
CA ARG D 132 9.91 -24.26 23.24
C ARG D 132 9.56 -22.97 22.51
N ASP D 133 10.53 -22.29 21.89
CA ASP D 133 10.19 -21.09 21.14
C ASP D 133 11.07 -20.96 19.89
N LEU D 134 11.41 -22.09 19.27
CA LEU D 134 12.21 -22.03 18.05
C LEU D 134 11.38 -21.43 16.92
N LYS D 135 11.93 -20.40 16.29
CA LYS D 135 11.29 -19.70 15.19
C LYS D 135 12.39 -18.95 14.46
N SER D 136 12.08 -18.48 13.25
CA SER D 136 13.12 -17.83 12.46
C SER D 136 13.63 -16.54 13.12
N ASN D 137 12.82 -15.90 13.97
CA ASN D 137 13.28 -14.71 14.69
C ASN D 137 14.41 -15.05 15.65
N ASN D 138 14.46 -16.29 16.15
CA ASN D 138 15.45 -16.72 17.13
C ASN D 138 16.62 -17.46 16.49
N ILE D 139 16.74 -17.40 15.16
CA ILE D 139 17.86 -17.97 14.44
C ILE D 139 18.66 -16.80 13.88
N PHE D 140 19.84 -16.54 14.44
CA PHE D 140 20.63 -15.41 14.04
C PHE D 140 21.78 -15.84 13.13
N LEU D 141 22.18 -14.94 12.24
CA LEU D 141 23.22 -15.23 11.27
C LEU D 141 24.44 -14.36 11.53
N HIS D 142 25.59 -14.88 11.14
CA HIS D 142 26.88 -14.28 11.44
C HIS D 142 27.91 -14.87 10.48
N GLU D 143 28.98 -14.12 10.23
CA GLU D 143 30.09 -14.58 9.37
C GLU D 143 29.50 -14.92 8.00
N ASP D 144 29.92 -16.03 7.39
CA ASP D 144 29.36 -16.49 6.13
C ASP D 144 28.20 -17.45 6.42
N LEU D 145 27.15 -16.88 6.99
CA LEU D 145 25.92 -17.61 7.33
C LEU D 145 26.20 -18.74 8.33
N THR D 146 26.86 -18.39 9.43
CA THR D 146 26.92 -19.29 10.59
C THR D 146 25.64 -19.09 11.40
N VAL D 147 24.91 -20.17 11.65
CA VAL D 147 23.63 -20.08 12.34
C VAL D 147 23.85 -20.07 13.85
N LYS D 148 23.12 -19.20 14.55
CA LYS D 148 23.13 -19.12 16.00
C LYS D 148 21.71 -19.18 16.52
N ILE D 149 21.36 -20.26 17.21
CA ILE D 149 20.05 -20.34 17.87
C ILE D 149 20.11 -19.56 19.17
N GLY D 150 19.15 -18.66 19.37
CA GLY D 150 19.16 -17.84 20.56
C GLY D 150 17.83 -17.80 21.30
N ASP D 151 17.78 -16.95 22.33
CA ASP D 151 16.58 -16.67 23.12
C ASP D 151 16.09 -17.91 23.86
N PHE D 152 16.61 -18.11 25.06
CA PHE D 152 16.28 -19.29 25.87
C PHE D 152 15.42 -18.95 27.08
N GLY D 153 14.61 -17.89 26.97
CA GLY D 153 13.72 -17.53 28.05
C GLY D 153 12.74 -18.64 28.40
N LEU D 154 12.20 -19.31 27.39
CA LEU D 154 11.19 -20.34 27.62
C LEU D 154 11.78 -21.75 27.74
N ALA D 155 13.07 -21.93 27.52
CA ALA D 155 13.63 -23.27 27.39
C ALA D 155 13.61 -24.02 28.72
N THR D 156 13.37 -25.33 28.64
CA THR D 156 13.39 -26.20 29.80
C THR D 156 14.60 -27.13 29.74
N VAL D 157 15.06 -27.54 30.93
CA VAL D 157 16.16 -28.48 31.08
C VAL D 157 15.67 -29.60 31.99
N LYS D 158 15.60 -30.82 31.45
CA LYS D 158 14.96 -31.93 32.15
C LYS D 158 13.59 -31.53 32.67
N SER D 159 12.84 -30.80 31.84
CA SER D 159 11.47 -30.36 32.09
C SER D 159 11.36 -29.34 33.22
N ARG D 160 12.48 -28.82 33.72
CA ARG D 160 12.46 -27.77 34.72
C ARG D 160 12.62 -26.40 34.07
N TRP D 161 12.11 -25.38 34.75
CA TRP D 161 12.18 -24.02 34.23
C TRP D 161 12.53 -23.08 35.38
N SER D 162 13.57 -22.26 35.15
CA SER D 162 14.03 -21.28 36.14
C SER D 162 14.45 -21.97 37.44
N GLY D 163 15.13 -23.11 37.29
CA GLY D 163 15.67 -23.83 38.43
C GLY D 163 14.66 -24.56 39.27
N SER D 164 13.44 -24.76 38.77
CA SER D 164 12.38 -25.35 39.56
C SER D 164 11.47 -26.16 38.63
N HIS D 165 10.72 -27.08 39.22
CA HIS D 165 9.68 -27.73 38.44
C HIS D 165 8.64 -26.70 38.01
N GLN D 166 7.89 -27.05 36.97
CA GLN D 166 6.95 -26.10 36.39
C GLN D 166 5.64 -26.11 37.15
N PHE D 167 5.06 -24.91 37.30
CA PHE D 167 3.72 -24.74 37.87
C PHE D 167 2.78 -24.11 36.85
N GLU D 168 3.19 -24.06 35.59
CA GLU D 168 2.44 -23.48 34.48
C GLU D 168 3.15 -23.94 33.21
N GLN D 169 2.50 -23.71 32.07
CA GLN D 169 3.09 -24.05 30.77
C GLN D 169 3.02 -22.80 29.88
N LEU D 170 4.12 -22.06 29.85
CA LEU D 170 4.20 -20.90 28.97
C LEU D 170 4.26 -21.36 27.51
N SER D 171 4.01 -20.41 26.60
CA SER D 171 4.00 -20.74 25.19
C SER D 171 4.49 -19.56 24.38
N GLY D 172 4.98 -19.86 23.17
CA GLY D 172 5.58 -18.86 22.31
C GLY D 172 4.69 -18.45 21.15
N SER D 173 5.26 -18.39 19.94
CA SER D 173 4.55 -17.86 18.77
C SER D 173 3.74 -18.96 18.08
N ILE D 174 2.52 -18.60 17.65
CA ILE D 174 1.57 -19.63 17.22
C ILE D 174 2.05 -20.34 15.96
N LEU D 175 2.73 -19.63 15.05
CA LEU D 175 3.00 -20.19 13.73
C LEU D 175 3.89 -21.42 13.80
N TRP D 176 4.86 -21.43 14.71
CA TRP D 176 5.78 -22.55 14.87
C TRP D 176 5.30 -23.54 15.92
N MET D 177 4.05 -23.42 16.37
CA MET D 177 3.56 -24.16 17.53
C MET D 177 2.89 -25.44 17.09
N ALA D 178 3.41 -26.58 17.57
CA ALA D 178 2.83 -27.87 17.27
C ALA D 178 1.37 -27.92 17.72
N PRO D 179 0.53 -28.70 17.02
CA PRO D 179 -0.90 -28.76 17.40
C PRO D 179 -1.12 -29.13 18.86
N GLU D 180 -0.33 -30.06 19.40
CA GLU D 180 -0.55 -30.44 20.80
C GLU D 180 -0.16 -29.31 21.75
N VAL D 181 0.76 -28.44 21.34
CA VAL D 181 1.07 -27.27 22.18
C VAL D 181 -0.02 -26.22 22.06
N ILE D 182 -0.60 -26.07 20.86
CA ILE D 182 -1.76 -25.21 20.68
C ILE D 182 -2.88 -25.63 21.62
N ARG D 183 -3.23 -26.92 21.62
CA ARG D 183 -4.41 -27.37 22.36
C ARG D 183 -4.23 -27.24 23.86
N MET D 184 -3.01 -27.43 24.37
CA MET D 184 -2.72 -27.36 25.80
C MET D 184 -3.62 -28.30 26.60
N GLN D 185 -3.83 -29.51 26.08
CA GLN D 185 -4.67 -30.49 26.74
C GLN D 185 -3.88 -31.54 27.50
N ASP D 186 -2.65 -31.81 27.10
CA ASP D 186 -1.78 -32.66 27.89
C ASP D 186 -1.22 -31.88 29.06
N LYS D 187 -0.91 -32.59 30.15
CA LYS D 187 -0.30 -31.94 31.31
C LYS D 187 1.02 -31.28 30.92
N ASN D 188 1.86 -31.99 30.18
CA ASN D 188 3.07 -31.43 29.60
C ASN D 188 3.01 -31.61 28.09
N PRO D 189 2.60 -30.60 27.33
CA PRO D 189 2.45 -30.76 25.88
C PRO D 189 3.75 -30.59 25.10
N TYR D 190 4.85 -30.31 25.79
CA TYR D 190 6.14 -30.07 25.16
C TYR D 190 7.00 -31.32 25.16
N SER D 191 7.87 -31.43 24.16
CA SER D 191 8.73 -32.58 23.99
C SER D 191 9.79 -32.22 22.96
N PHE D 192 10.77 -33.11 22.80
CA PHE D 192 11.67 -33.00 21.67
C PHE D 192 10.88 -32.86 20.37
N GLN D 193 9.80 -33.63 20.25
CA GLN D 193 9.02 -33.65 19.01
C GLN D 193 8.32 -32.31 18.74
N SER D 194 7.92 -31.57 19.78
CA SER D 194 7.33 -30.26 19.54
C SER D 194 8.38 -29.27 19.05
N ASP D 195 9.64 -29.39 19.51
CA ASP D 195 10.72 -28.62 18.91
C ASP D 195 10.90 -29.01 17.45
N VAL D 196 10.80 -30.30 17.14
CA VAL D 196 10.92 -30.76 15.75
C VAL D 196 9.87 -30.12 14.86
N TYR D 197 8.64 -30.01 15.36
CA TYR D 197 7.59 -29.35 14.57
C TYR D 197 7.97 -27.93 14.24
N ALA D 198 8.46 -27.18 15.23
CA ALA D 198 8.87 -25.81 14.99
C ALA D 198 9.99 -25.76 13.95
N PHE D 199 10.92 -26.71 14.01
CA PHE D 199 11.95 -26.84 12.99
C PHE D 199 11.32 -27.06 11.63
N GLY D 200 10.27 -27.89 11.57
CA GLY D 200 9.56 -28.10 10.33
C GLY D 200 9.00 -26.82 9.73
N ILE D 201 8.45 -25.94 10.59
CA ILE D 201 7.97 -24.66 10.10
C ILE D 201 9.13 -23.81 9.60
N VAL D 202 10.27 -23.88 10.28
CA VAL D 202 11.47 -23.19 9.79
C VAL D 202 11.89 -23.76 8.44
N LEU D 203 11.83 -25.08 8.28
CA LEU D 203 12.11 -25.67 6.97
C LEU D 203 11.15 -25.13 5.92
N TYR D 204 9.88 -24.95 6.30
CA TYR D 204 8.90 -24.39 5.37
C TYR D 204 9.26 -22.96 4.98
N GLU D 205 9.69 -22.14 5.96
CA GLU D 205 10.15 -20.80 5.64
C GLU D 205 11.30 -20.83 4.63
N LEU D 206 12.26 -21.72 4.85
CA LEU D 206 13.46 -21.76 4.01
C LEU D 206 13.11 -22.17 2.58
N MET D 207 12.22 -23.14 2.42
CA MET D 207 11.97 -23.72 1.11
C MET D 207 10.83 -23.05 0.36
N THR D 208 9.99 -22.28 1.05
CA THR D 208 8.95 -21.48 0.39
C THR D 208 9.28 -19.99 0.34
N GLY D 209 10.18 -19.52 1.20
CA GLY D 209 10.37 -18.09 1.37
C GLY D 209 9.28 -17.38 2.12
N GLN D 210 8.25 -18.09 2.60
CA GLN D 210 7.07 -17.47 3.18
C GLN D 210 6.78 -18.04 4.56
N LEU D 211 6.09 -17.25 5.37
CA LEU D 211 5.49 -17.75 6.58
C LEU D 211 4.29 -18.63 6.23
N PRO D 212 3.99 -19.63 7.06
CA PRO D 212 2.80 -20.44 6.81
C PRO D 212 1.53 -19.65 7.08
N TYR D 213 0.44 -20.09 6.46
CA TYR D 213 -0.90 -19.52 6.64
C TYR D 213 -0.93 -18.03 6.29
N SER D 214 -0.13 -17.62 5.29
CA SER D 214 -0.05 -16.21 4.91
C SER D 214 -1.37 -15.68 4.34
N ASN D 215 -2.32 -16.56 4.01
CA ASN D 215 -3.61 -16.14 3.49
C ASN D 215 -4.67 -16.01 4.58
N ILE D 216 -4.40 -16.50 5.78
CA ILE D 216 -5.35 -16.47 6.89
C ILE D 216 -4.90 -15.38 7.84
N ASN D 217 -5.72 -14.32 7.95
CA ASN D 217 -5.38 -13.16 8.76
C ASN D 217 -6.17 -13.10 10.06
N ASN D 218 -6.51 -14.27 10.61
CA ASN D 218 -7.34 -14.37 11.81
C ASN D 218 -6.60 -15.24 12.81
N ARG D 219 -6.08 -14.61 13.87
CA ARG D 219 -5.29 -15.32 14.87
C ARG D 219 -6.07 -16.47 15.48
N ASP D 220 -7.32 -16.21 15.89
CA ASP D 220 -8.11 -17.25 16.55
C ASP D 220 -8.50 -18.37 15.58
N GLN D 221 -8.66 -18.05 14.30
CA GLN D 221 -8.90 -19.09 13.30
C GLN D 221 -7.71 -20.05 13.20
N ILE D 222 -6.50 -19.51 13.22
CA ILE D 222 -5.31 -20.35 13.14
C ILE D 222 -5.21 -21.26 14.36
N ILE D 223 -5.49 -20.71 15.55
CA ILE D 223 -5.42 -21.51 16.77
C ILE D 223 -6.39 -22.68 16.70
N PHE D 224 -7.65 -22.41 16.35
CA PHE D 224 -8.64 -23.47 16.31
C PHE D 224 -8.31 -24.52 15.26
N MET D 225 -8.09 -24.09 14.01
CA MET D 225 -8.00 -25.04 12.91
C MET D 225 -6.68 -25.81 12.93
N VAL D 226 -5.57 -25.16 13.26
CA VAL D 226 -4.33 -25.90 13.43
C VAL D 226 -4.45 -26.87 14.60
N GLY D 227 -5.00 -26.41 15.73
CA GLY D 227 -5.17 -27.29 16.87
C GLY D 227 -6.09 -28.45 16.60
N ARG D 228 -7.12 -28.24 15.76
CA ARG D 228 -8.00 -29.32 15.33
C ARG D 228 -7.43 -30.16 14.20
N GLY D 229 -6.29 -29.78 13.63
CA GLY D 229 -5.77 -30.50 12.48
C GLY D 229 -6.53 -30.27 11.20
N TYR D 230 -7.31 -29.18 11.13
CA TYR D 230 -7.97 -28.78 9.90
C TYR D 230 -7.10 -27.91 9.03
N LEU D 231 -6.09 -27.26 9.61
CA LEU D 231 -5.20 -26.36 8.89
C LEU D 231 -3.76 -26.81 9.11
N SER D 232 -2.99 -26.85 8.03
CA SER D 232 -1.59 -27.23 8.06
C SER D 232 -0.88 -26.50 6.93
N PRO D 233 0.45 -26.35 6.99
CA PRO D 233 1.14 -25.55 5.98
C PRO D 233 0.91 -26.09 4.58
N ASP D 234 0.81 -25.17 3.62
CA ASP D 234 0.54 -25.50 2.21
C ASP D 234 1.86 -25.87 1.56
N LEU D 235 2.15 -27.16 1.52
CA LEU D 235 3.42 -27.64 0.99
C LEU D 235 3.56 -27.45 -0.51
N SER D 236 2.51 -27.01 -1.22
CA SER D 236 2.66 -26.72 -2.64
C SER D 236 3.40 -25.41 -2.89
N LYS D 237 3.56 -24.56 -1.87
CA LYS D 237 4.30 -23.32 -2.00
C LYS D 237 5.81 -23.55 -2.04
N VAL D 238 6.28 -24.76 -1.72
CA VAL D 238 7.70 -25.06 -1.78
C VAL D 238 8.21 -24.86 -3.19
N ARG D 239 9.37 -24.22 -3.33
CA ARG D 239 9.92 -23.90 -4.63
C ARG D 239 10.33 -25.17 -5.38
N SER D 240 10.34 -25.07 -6.70
CA SER D 240 10.65 -26.24 -7.54
C SER D 240 12.09 -26.71 -7.39
N ASN D 241 13.01 -25.82 -6.99
CA ASN D 241 14.40 -26.19 -6.80
C ASN D 241 14.65 -26.91 -5.48
N CYS D 242 13.62 -27.14 -4.68
CA CYS D 242 13.80 -27.81 -3.41
C CYS D 242 13.90 -29.32 -3.62
N PRO D 243 14.92 -29.98 -3.07
CA PRO D 243 15.07 -31.41 -3.28
C PRO D 243 13.89 -32.19 -2.69
N LYS D 244 13.51 -33.27 -3.36
CA LYS D 244 12.39 -34.07 -2.91
C LYS D 244 12.62 -34.61 -1.50
N ALA D 245 13.86 -34.98 -1.18
CA ALA D 245 14.16 -35.50 0.15
C ALA D 245 13.97 -34.45 1.23
N MET D 246 14.13 -33.17 0.89
CA MET D 246 13.88 -32.12 1.87
C MET D 246 12.38 -31.94 2.10
N LYS D 247 11.58 -32.05 1.04
CA LYS D 247 10.14 -31.94 1.22
C LYS D 247 9.59 -33.11 2.02
N ARG D 248 10.14 -34.32 1.82
CA ARG D 248 9.70 -35.47 2.61
C ARG D 248 10.06 -35.28 4.08
N LEU D 249 11.28 -34.82 4.35
CA LEU D 249 11.69 -34.59 5.74
C LEU D 249 10.85 -33.51 6.40
N MET D 250 10.64 -32.39 5.70
CA MET D 250 9.74 -31.35 6.20
C MET D 250 8.37 -31.93 6.53
N ALA D 251 7.83 -32.79 5.66
CA ALA D 251 6.52 -33.37 5.93
C ALA D 251 6.53 -34.25 7.18
N GLU D 252 7.65 -34.92 7.45
CA GLU D 252 7.73 -35.75 8.65
C GLU D 252 7.88 -34.90 9.90
N CYS D 253 8.61 -33.79 9.81
CA CYS D 253 8.74 -32.90 10.96
C CYS D 253 7.43 -32.19 11.28
N LEU D 254 6.53 -32.06 10.31
CA LEU D 254 5.27 -31.34 10.48
C LEU D 254 4.10 -32.27 10.77
N LYS D 255 4.35 -33.57 11.01
CA LYS D 255 3.28 -34.50 11.31
C LYS D 255 2.45 -34.01 12.49
N LYS D 256 1.13 -34.17 12.38
CA LYS D 256 0.23 -33.68 13.42
C LYS D 256 0.38 -34.48 14.70
N LYS D 257 0.61 -35.78 14.59
CA LYS D 257 0.84 -36.65 15.73
C LYS D 257 2.32 -36.62 16.08
N ARG D 258 2.64 -36.19 17.31
CA ARG D 258 4.04 -35.94 17.66
C ARG D 258 4.88 -37.22 17.62
N ASP D 259 4.26 -38.37 17.90
CA ASP D 259 5.00 -39.64 17.90
C ASP D 259 5.52 -39.99 16.51
N GLU D 260 4.93 -39.44 15.45
CA GLU D 260 5.37 -39.72 14.09
C GLU D 260 6.49 -38.80 13.63
N ARG D 261 6.85 -37.79 14.42
CA ARG D 261 7.91 -36.89 13.98
C ARG D 261 9.27 -37.51 14.25
N PRO D 262 10.24 -37.33 13.36
CA PRO D 262 11.60 -37.80 13.62
C PRO D 262 12.32 -36.91 14.61
N LEU D 263 13.34 -37.49 15.25
CA LEU D 263 14.19 -36.75 16.16
C LEU D 263 15.41 -36.20 15.41
N PHE D 264 16.12 -35.29 16.07
CA PHE D 264 17.14 -34.52 15.38
C PHE D 264 18.38 -35.31 14.97
N PRO D 265 18.81 -36.36 15.71
CA PRO D 265 19.85 -37.23 15.13
C PRO D 265 19.47 -37.80 13.78
N GLN D 266 18.21 -38.24 13.63
CA GLN D 266 17.75 -38.73 12.33
C GLN D 266 17.56 -37.58 11.33
N ILE D 267 17.10 -36.43 11.81
CA ILE D 267 16.94 -35.26 10.94
C ILE D 267 18.28 -34.83 10.35
N LEU D 268 19.33 -34.83 11.18
CA LEU D 268 20.66 -34.45 10.70
C LEU D 268 21.15 -35.41 9.64
N ALA D 269 21.01 -36.71 9.89
CA ALA D 269 21.44 -37.71 8.91
C ALA D 269 20.74 -37.53 7.58
N SER D 270 19.48 -37.10 7.59
CA SER D 270 18.76 -36.91 6.34
C SER D 270 19.22 -35.66 5.60
N ILE D 271 19.55 -34.61 6.35
CA ILE D 271 20.01 -33.38 5.70
C ILE D 271 21.41 -33.57 5.13
N GLU D 272 22.28 -34.25 5.88
CA GLU D 272 23.63 -34.50 5.39
C GLU D 272 23.62 -35.40 4.16
N LEU D 273 22.62 -36.29 4.05
CA LEU D 273 22.55 -37.18 2.91
C LEU D 273 22.09 -36.44 1.65
N LEU D 274 21.08 -35.57 1.78
CA LEU D 274 20.61 -34.83 0.62
C LEU D 274 21.57 -33.70 0.25
N ALA D 275 22.31 -33.16 1.22
CA ALA D 275 23.32 -32.16 0.90
C ALA D 275 24.47 -32.76 0.11
N ARG D 276 24.75 -34.06 0.28
CA ARG D 276 25.78 -34.71 -0.51
C ARG D 276 25.36 -34.87 -1.96
N SER D 277 24.08 -35.07 -2.19
CA SER D 277 23.55 -35.24 -3.55
C SER D 277 23.64 -33.94 -4.35
#